data_4MME
#
_entry.id   4MME
#
_cell.length_a   84.258
_cell.length_b   92.825
_cell.length_c   87.530
_cell.angle_alpha   90.00
_cell.angle_beta   93.75
_cell.angle_gamma   90.00
#
_symmetry.space_group_name_H-M   'P 1 21 1'
#
loop_
_entity.id
_entity.type
_entity.pdbx_description
1 polymer Transporter
2 non-polymer 'SODIUM ION'
3 non-polymer (5R)-5-(4-chlorophenyl)-2,5-dihydro-3H-imidazo[2,1-a]isoindol-5-ol
4 non-polymer 'octyl beta-D-glucopyranoside'
5 water water
#
_entity_poly.entity_id   1
_entity_poly.type   'polypeptide(L)'
_entity_poly.pdbx_seq_one_letter_code
;MEVKREHWATRLGLILAMAGYAVDLGNFLRFPVQAAENGGGAFMIPYIIAFLLVGIPLMWIEWAMGRYGGAQGHGTTPAI
FYLLWRNRFAKILGVFGLWIPLVVAIYYVYIESWTLGFAIKFLVGLVPEPPPNATDPDSILRPFKEFLYSYIGVPKGDEP
ILKPSLFAYIVFLITMFINVSILIRGISKGIERFAKIAMPTLFILAVFLVIRVFLLETPNGTAADGLNFLWTPDFEKLKD
PGVWIAAVGQIFFSLGLGFGAIITFASYVRKDQDIVLSGLTAATLNEKAEVILGGSISIPAAVAFFGVANAVAIAKAGAF
NLGFITLPAIFSQTAGGTFLGFLWFFLLFFAGLTSSIAGMQPMIAFLEDELKLSRKHAVLWTAAIVFFSAHLVMFLNKSL
DEMDFWAGTIGVVFFGLTELIIFFWIFGADKAWEEINRGGIIKVPRIYYYVMRYITPAFLAVLLVVWAREYIPKIMEETH
WTVWITRFYIIGLFLFLTFLVFLAERRRNHESAGTLVPR
;
_entity_poly.pdbx_strand_id   A,B
#
loop_
_chem_comp.id
_chem_comp.type
_chem_comp.name
_chem_comp.formula
29Q non-polymer (5R)-5-(4-chlorophenyl)-2,5-dihydro-3H-imidazo[2,1-a]isoindol-5-ol 'C16 H13 Cl N2 O'
BOG D-saccharide 'octyl beta-D-glucopyranoside' 'C14 H28 O6'
NA non-polymer 'SODIUM ION' 'Na 1'
#
# COMPACT_ATOMS: atom_id res chain seq x y z
N ARG A 5 -4.70 -20.50 -25.69
CA ARG A 5 -3.55 -19.99 -24.94
C ARG A 5 -2.45 -19.52 -25.89
N GLU A 6 -1.79 -18.42 -25.54
CA GLU A 6 -0.64 -17.97 -26.30
C GLU A 6 0.46 -19.03 -26.26
N HIS A 7 1.29 -19.07 -27.29
CA HIS A 7 2.37 -20.03 -27.36
C HIS A 7 3.58 -19.37 -28.00
N TRP A 8 4.76 -19.89 -27.71
CA TRP A 8 5.95 -19.48 -28.46
C TRP A 8 5.83 -19.97 -29.90
N ALA A 9 6.17 -19.12 -30.85
CA ALA A 9 6.06 -19.46 -32.27
C ALA A 9 7.13 -20.45 -32.71
N THR A 10 8.39 -20.17 -32.34
CA THR A 10 9.51 -21.00 -32.77
C THR A 10 10.36 -21.46 -31.60
N ARG A 11 11.05 -22.58 -31.78
CA ARG A 11 11.94 -23.13 -30.77
C ARG A 11 13.07 -22.15 -30.44
N LEU A 12 13.60 -21.50 -31.47
CA LEU A 12 14.66 -20.52 -31.28
C LEU A 12 14.18 -19.33 -30.44
N GLY A 13 12.97 -18.85 -30.74
CA GLY A 13 12.42 -17.73 -30.00
C GLY A 13 12.26 -18.05 -28.53
N LEU A 14 11.77 -19.25 -28.25
CA LEU A 14 11.60 -19.70 -26.87
C LEU A 14 12.94 -19.69 -26.13
N ILE A 15 13.96 -20.24 -26.77
CA ILE A 15 15.27 -20.33 -26.16
C ILE A 15 15.87 -18.94 -25.91
N LEU A 16 15.69 -18.04 -26.85
CA LEU A 16 16.24 -16.68 -26.74
C LEU A 16 15.51 -15.81 -25.70
N ALA A 17 14.20 -16.02 -25.54
CA ALA A 17 13.45 -15.31 -24.51
C ALA A 17 13.87 -15.79 -23.12
N MET A 18 14.04 -17.11 -22.97
CA MET A 18 14.48 -17.69 -21.71
C MET A 18 15.91 -17.28 -21.37
N ALA A 19 16.78 -17.31 -22.36
CA ALA A 19 18.16 -16.87 -22.19
C ALA A 19 18.17 -15.38 -21.91
N GLY A 20 17.29 -14.66 -22.59
CA GLY A 20 17.13 -13.23 -22.39
C GLY A 20 16.69 -12.94 -20.97
N TYR A 21 15.83 -13.80 -20.43
CA TYR A 21 15.44 -13.65 -19.05
C TYR A 21 16.66 -13.78 -18.15
N ALA A 22 17.38 -14.90 -18.27
CA ALA A 22 18.54 -15.16 -17.41
C ALA A 22 19.71 -14.16 -17.56
N VAL A 23 20.04 -13.78 -18.79
CA VAL A 23 21.16 -12.87 -19.02
C VAL A 23 20.82 -11.43 -18.63
N ASP A 24 21.40 -10.96 -17.54
CA ASP A 24 21.13 -9.60 -17.06
C ASP A 24 22.41 -8.89 -16.63
N LEU A 25 22.25 -7.79 -15.90
CA LEU A 25 23.39 -6.99 -15.45
C LEU A 25 24.36 -7.81 -14.59
N GLY A 26 23.81 -8.79 -13.87
CA GLY A 26 24.62 -9.66 -13.04
C GLY A 26 25.70 -10.38 -13.83
N ASN A 27 25.36 -10.81 -15.04
CA ASN A 27 26.28 -11.52 -15.91
C ASN A 27 27.55 -10.74 -16.21
N PHE A 28 27.39 -9.43 -16.34
CA PHE A 28 28.49 -8.56 -16.74
C PHE A 28 29.18 -7.85 -15.57
N LEU A 29 28.58 -7.92 -14.38
CA LEU A 29 29.10 -7.21 -13.22
C LEU A 29 29.24 -8.08 -11.98
N ARG A 30 28.18 -8.80 -11.64
CA ARG A 30 28.15 -9.59 -10.41
C ARG A 30 29.08 -10.80 -10.49
N PHE A 31 28.91 -11.63 -11.51
CA PHE A 31 29.75 -12.82 -11.69
C PHE A 31 31.27 -12.57 -11.70
N PRO A 32 31.76 -11.54 -12.43
CA PRO A 32 33.21 -11.33 -12.41
C PRO A 32 33.72 -10.95 -11.01
N VAL A 33 32.96 -10.14 -10.28
CA VAL A 33 33.35 -9.73 -8.94
C VAL A 33 33.33 -10.92 -7.97
N GLN A 34 32.32 -11.78 -8.10
CA GLN A 34 32.23 -12.97 -7.25
C GLN A 34 33.40 -13.90 -7.50
N ALA A 35 33.77 -14.06 -8.77
CA ALA A 35 34.86 -14.96 -9.17
C ALA A 35 36.22 -14.49 -8.65
N ALA A 36 36.46 -13.17 -8.73
CA ALA A 36 37.71 -12.61 -8.27
C ALA A 36 37.85 -12.72 -6.76
N GLU A 37 36.73 -12.62 -6.05
CA GLU A 37 36.73 -12.65 -4.60
C GLU A 37 36.74 -14.07 -4.04
N ASN A 38 36.46 -15.06 -4.88
CA ASN A 38 36.31 -16.43 -4.39
C ASN A 38 37.16 -17.48 -5.08
N GLY A 39 38.41 -17.14 -5.37
CA GLY A 39 39.37 -18.11 -5.86
C GLY A 39 39.76 -17.97 -7.32
N GLY A 40 39.30 -16.91 -7.96
CA GLY A 40 39.62 -16.67 -9.36
C GLY A 40 39.17 -17.82 -10.24
N GLY A 41 40.14 -18.46 -10.91
CA GLY A 41 39.88 -19.60 -11.75
C GLY A 41 39.40 -20.80 -10.96
N ALA A 42 39.82 -20.89 -9.71
CA ALA A 42 39.43 -22.00 -8.84
C ALA A 42 37.93 -21.96 -8.54
N PHE A 43 37.37 -20.76 -8.63
CA PHE A 43 35.94 -20.56 -8.38
C PHE A 43 35.08 -21.37 -9.35
N MET A 44 35.67 -21.79 -10.46
CA MET A 44 34.94 -22.56 -11.46
C MET A 44 34.65 -23.99 -11.00
N ILE A 45 35.40 -24.46 -10.01
CA ILE A 45 35.15 -25.81 -9.50
C ILE A 45 33.80 -25.88 -8.78
N PRO A 46 33.58 -25.04 -7.74
CA PRO A 46 32.24 -25.11 -7.15
C PRO A 46 31.15 -24.53 -8.07
N TYR A 47 31.54 -23.67 -9.01
CA TYR A 47 30.60 -23.02 -9.93
C TYR A 47 29.95 -24.01 -10.90
N ILE A 48 30.77 -24.87 -11.49
CA ILE A 48 30.30 -25.92 -12.39
C ILE A 48 29.52 -26.96 -11.60
N ILE A 49 30.03 -27.28 -10.42
CA ILE A 49 29.38 -28.24 -9.53
C ILE A 49 28.00 -27.75 -9.13
N ALA A 50 27.92 -26.48 -8.75
CA ALA A 50 26.65 -25.87 -8.37
C ALA A 50 25.69 -25.87 -9.56
N PHE A 51 26.24 -25.60 -10.75
CA PHE A 51 25.47 -25.61 -11.99
C PHE A 51 24.91 -27.00 -12.27
N LEU A 52 25.73 -28.03 -12.02
CA LEU A 52 25.33 -29.41 -12.28
C LEU A 52 24.38 -29.99 -11.25
N LEU A 53 24.52 -29.57 -9.99
CA LEU A 53 23.74 -30.15 -8.89
C LEU A 53 22.52 -29.31 -8.51
N VAL A 54 22.54 -28.03 -8.84
CA VAL A 54 21.45 -27.14 -8.43
C VAL A 54 20.80 -26.39 -9.59
N GLY A 55 21.61 -25.67 -10.37
CA GLY A 55 21.10 -24.82 -11.43
C GLY A 55 20.32 -25.58 -12.50
N ILE A 56 20.99 -26.53 -13.15
CA ILE A 56 20.38 -27.38 -14.17
C ILE A 56 19.14 -28.18 -13.71
N PRO A 57 19.22 -28.91 -12.57
CA PRO A 57 18.07 -29.68 -12.08
C PRO A 57 16.82 -28.82 -11.84
N LEU A 58 16.99 -27.73 -11.09
CA LEU A 58 15.87 -26.89 -10.70
C LEU A 58 15.26 -26.21 -11.92
N MET A 59 16.12 -25.81 -12.85
CA MET A 59 15.64 -25.15 -14.05
C MET A 59 14.72 -26.08 -14.87
N TRP A 60 15.12 -27.35 -15.01
CA TRP A 60 14.30 -28.36 -15.67
C TRP A 60 12.96 -28.51 -14.97
N ILE A 61 13.00 -28.51 -13.65
CA ILE A 61 11.79 -28.64 -12.83
C ILE A 61 10.83 -27.48 -13.03
N GLU A 62 11.36 -26.26 -13.07
CA GLU A 62 10.53 -25.09 -13.31
C GLU A 62 9.91 -25.10 -14.71
N TRP A 63 10.69 -25.52 -15.72
CA TRP A 63 10.16 -25.68 -17.06
C TRP A 63 9.02 -26.70 -17.04
N ALA A 64 9.24 -27.82 -16.37
CA ALA A 64 8.26 -28.89 -16.31
C ALA A 64 6.98 -28.41 -15.64
N MET A 65 7.14 -27.74 -14.51
CA MET A 65 6.00 -27.23 -13.76
C MET A 65 5.21 -26.24 -14.60
N GLY A 66 5.92 -25.38 -15.32
CA GLY A 66 5.31 -24.38 -16.16
C GLY A 66 4.50 -24.98 -17.30
N ARG A 67 5.13 -25.90 -18.03
CA ARG A 67 4.48 -26.57 -19.15
C ARG A 67 3.28 -27.40 -18.70
N TYR A 68 3.43 -28.06 -17.55
CA TYR A 68 2.34 -28.83 -16.95
C TYR A 68 1.13 -27.95 -16.68
N GLY A 69 1.38 -26.78 -16.10
CA GLY A 69 0.29 -25.86 -15.79
C GLY A 69 -0.35 -25.24 -17.01
N GLY A 70 0.49 -24.83 -17.97
CA GLY A 70 0.01 -24.20 -19.18
C GLY A 70 -0.95 -25.08 -19.95
N ALA A 71 -0.71 -26.38 -19.92
CA ALA A 71 -1.58 -27.33 -20.60
C ALA A 71 -2.99 -27.29 -20.03
N GLN A 72 -3.11 -26.83 -18.78
CA GLN A 72 -4.41 -26.72 -18.13
C GLN A 72 -4.88 -25.26 -18.01
N GLY A 73 -4.18 -24.34 -18.68
CA GLY A 73 -4.57 -22.94 -18.73
C GLY A 73 -4.08 -22.09 -17.56
N HIS A 74 -3.06 -22.54 -16.87
CA HIS A 74 -2.54 -21.82 -15.71
C HIS A 74 -1.05 -21.58 -15.79
N GLY A 75 -0.65 -20.32 -15.85
CA GLY A 75 0.76 -19.99 -15.97
C GLY A 75 1.46 -19.57 -14.69
N THR A 76 0.70 -19.40 -13.60
CA THR A 76 1.28 -18.93 -12.34
C THR A 76 1.13 -19.92 -11.18
N THR A 77 1.97 -19.75 -10.18
CA THR A 77 2.11 -20.70 -9.09
C THR A 77 0.94 -20.89 -8.10
N PRO A 78 0.09 -19.87 -7.89
CA PRO A 78 -1.04 -20.20 -7.00
C PRO A 78 -1.89 -21.34 -7.58
N ALA A 79 -2.20 -21.25 -8.87
CA ALA A 79 -3.00 -22.28 -9.51
C ALA A 79 -2.19 -23.56 -9.75
N ILE A 80 -0.93 -23.40 -10.14
CA ILE A 80 -0.08 -24.55 -10.46
C ILE A 80 0.28 -25.39 -9.24
N PHE A 81 0.65 -24.73 -8.13
CA PHE A 81 0.91 -25.43 -6.88
C PHE A 81 -0.32 -26.22 -6.42
N TYR A 82 -1.49 -25.64 -6.64
CA TYR A 82 -2.75 -26.27 -6.24
C TYR A 82 -3.02 -27.50 -7.09
N LEU A 83 -2.60 -27.46 -8.34
CA LEU A 83 -2.73 -28.60 -9.25
C LEU A 83 -1.82 -29.75 -8.86
N LEU A 84 -0.65 -29.41 -8.30
CA LEU A 84 0.33 -30.39 -7.86
C LEU A 84 0.03 -30.86 -6.44
N TRP A 85 -0.75 -30.06 -5.72
CA TRP A 85 -1.01 -30.32 -4.32
C TRP A 85 -2.32 -29.63 -3.94
N ARG A 86 -3.42 -30.39 -3.95
CA ARG A 86 -4.73 -29.82 -3.66
C ARG A 86 -4.88 -29.53 -2.17
N ASN A 87 -4.35 -28.38 -1.77
CA ASN A 87 -4.37 -27.95 -0.39
C ASN A 87 -4.46 -26.42 -0.41
N ARG A 88 -5.16 -25.86 0.57
CA ARG A 88 -5.30 -24.42 0.65
C ARG A 88 -3.94 -23.75 0.82
N PHE A 89 -3.06 -24.39 1.57
CA PHE A 89 -1.74 -23.85 1.87
C PHE A 89 -0.86 -23.83 0.61
N ALA A 90 -1.23 -24.61 -0.40
CA ALA A 90 -0.49 -24.61 -1.66
C ALA A 90 -0.74 -23.32 -2.43
N LYS A 91 -1.98 -22.85 -2.41
CA LYS A 91 -2.33 -21.62 -3.09
C LYS A 91 -1.60 -20.44 -2.46
N ILE A 92 -1.57 -20.41 -1.13
CA ILE A 92 -0.92 -19.31 -0.40
C ILE A 92 0.58 -19.27 -0.65
N LEU A 93 1.22 -20.44 -0.67
CA LEU A 93 2.63 -20.52 -1.00
C LEU A 93 2.87 -20.06 -2.44
N GLY A 94 1.89 -20.32 -3.30
CA GLY A 94 1.96 -19.95 -4.71
C GLY A 94 1.95 -18.46 -4.92
N VAL A 95 1.39 -17.72 -3.96
CA VAL A 95 1.35 -16.26 -4.00
C VAL A 95 2.78 -15.69 -4.07
N PHE A 96 3.73 -16.39 -3.45
CA PHE A 96 5.12 -15.96 -3.47
C PHE A 96 5.66 -15.91 -4.91
N GLY A 97 5.19 -16.80 -5.77
CA GLY A 97 5.61 -16.85 -7.16
C GLY A 97 4.99 -15.73 -7.97
N LEU A 98 4.16 -14.95 -7.31
CA LEU A 98 3.54 -13.80 -7.92
C LEU A 98 4.12 -12.54 -7.24
N TRP A 99 4.37 -12.67 -5.95
CA TRP A 99 4.86 -11.57 -5.12
C TRP A 99 6.34 -11.25 -5.35
N ILE A 100 7.16 -12.29 -5.44
CA ILE A 100 8.59 -12.11 -5.70
C ILE A 100 8.89 -11.33 -7.00
N PRO A 101 8.36 -11.78 -8.15
CA PRO A 101 8.69 -11.03 -9.37
C PRO A 101 8.03 -9.65 -9.42
N LEU A 102 6.91 -9.48 -8.73
CA LEU A 102 6.27 -8.17 -8.68
C LEU A 102 7.11 -7.18 -7.85
N VAL A 103 7.56 -7.61 -6.67
CA VAL A 103 8.38 -6.75 -5.82
C VAL A 103 9.72 -6.39 -6.48
N VAL A 104 10.35 -7.36 -7.12
CA VAL A 104 11.62 -7.14 -7.80
C VAL A 104 11.45 -6.16 -8.96
N ALA A 105 10.35 -6.32 -9.70
CA ALA A 105 9.99 -5.41 -10.78
C ALA A 105 9.89 -3.97 -10.31
N ILE A 106 9.39 -3.80 -9.09
CA ILE A 106 9.17 -2.48 -8.49
C ILE A 106 10.47 -1.67 -8.32
N TYR A 107 11.60 -2.35 -8.14
CA TYR A 107 12.88 -1.66 -8.14
C TYR A 107 13.74 -1.90 -9.40
N TYR A 108 13.53 -3.03 -10.06
CA TYR A 108 14.41 -3.42 -11.17
C TYR A 108 14.23 -2.56 -12.42
N VAL A 109 12.98 -2.25 -12.75
CA VAL A 109 12.70 -1.45 -13.95
C VAL A 109 13.33 -0.06 -13.80
N TYR A 110 13.34 0.42 -12.56
CA TYR A 110 13.94 1.72 -12.26
C TYR A 110 15.45 1.68 -12.45
N ILE A 111 16.09 0.65 -11.91
CA ILE A 111 17.53 0.50 -12.07
C ILE A 111 17.86 0.36 -13.56
N GLU A 112 17.04 -0.41 -14.26
CA GLU A 112 17.15 -0.58 -15.71
C GLU A 112 17.07 0.77 -16.42
N SER A 113 16.22 1.67 -15.92
CA SER A 113 16.10 2.99 -16.53
C SER A 113 17.39 3.81 -16.38
N TRP A 114 18.15 3.55 -15.31
CA TRP A 114 19.42 4.26 -15.13
C TRP A 114 20.37 3.97 -16.29
N THR A 115 20.42 2.72 -16.74
CA THR A 115 21.33 2.36 -17.82
C THR A 115 20.92 3.03 -19.13
N LEU A 116 19.61 3.13 -19.35
CA LEU A 116 19.12 3.85 -20.51
C LEU A 116 19.50 5.33 -20.43
N GLY A 117 19.36 5.89 -19.22
CA GLY A 117 19.71 7.29 -19.00
C GLY A 117 21.18 7.56 -19.18
N PHE A 118 22.02 6.68 -18.64
CA PHE A 118 23.47 6.81 -18.77
C PHE A 118 23.91 6.65 -20.21
N ALA A 119 23.23 5.76 -20.94
CA ALA A 119 23.53 5.54 -22.35
C ALA A 119 23.30 6.79 -23.14
N ILE A 120 22.14 7.42 -22.91
CA ILE A 120 21.80 8.67 -23.61
C ILE A 120 22.77 9.81 -23.28
N LYS A 121 23.05 10.02 -21.99
CA LYS A 121 23.96 11.09 -21.59
C LYS A 121 25.37 10.92 -22.20
N PHE A 122 25.84 9.67 -22.27
CA PHE A 122 27.13 9.37 -22.88
C PHE A 122 27.12 9.65 -24.36
N LEU A 123 26.07 9.20 -25.04
CA LEU A 123 25.94 9.39 -26.47
C LEU A 123 25.96 10.88 -26.86
N VAL A 124 25.21 11.71 -26.14
CA VAL A 124 25.12 13.14 -26.46
C VAL A 124 26.19 13.96 -25.73
N GLY A 125 27.00 13.29 -24.93
CA GLY A 125 28.13 13.93 -24.27
C GLY A 125 27.80 14.70 -23.00
N LEU A 126 26.65 14.44 -22.40
CA LEU A 126 26.29 15.08 -21.14
C LEU A 126 26.88 14.35 -19.94
N VAL A 127 28.17 14.02 -20.02
CA VAL A 127 28.87 13.31 -18.96
C VAL A 127 30.10 14.08 -18.52
N PRO A 128 30.57 13.81 -17.29
CA PRO A 128 31.75 14.55 -16.81
C PRO A 128 32.99 14.24 -17.64
N GLU A 129 33.97 15.15 -17.61
CA GLU A 129 35.21 14.96 -18.34
C GLU A 129 36.39 15.39 -17.47
N PRO A 130 36.85 14.50 -16.58
CA PRO A 130 38.00 14.83 -15.75
C PRO A 130 39.28 14.83 -16.58
N PRO A 131 40.40 15.38 -16.05
CA PRO A 131 40.67 16.06 -14.77
C PRO A 131 39.72 17.18 -14.40
N THR A 135 45.61 12.20 -13.82
CA THR A 135 46.20 12.56 -12.53
C THR A 135 46.14 11.38 -11.57
N ASP A 136 45.31 11.48 -10.54
CA ASP A 136 45.18 10.42 -9.56
C ASP A 136 43.80 9.78 -9.69
N PRO A 137 43.70 8.48 -9.34
CA PRO A 137 42.47 7.71 -9.52
C PRO A 137 41.22 8.39 -9.00
N ASP A 138 41.28 8.93 -7.78
CA ASP A 138 40.11 9.57 -7.18
C ASP A 138 39.69 10.81 -7.95
N SER A 139 40.64 11.44 -8.63
CA SER A 139 40.35 12.66 -9.39
C SER A 139 39.49 12.36 -10.61
N ILE A 140 39.52 11.10 -11.05
CA ILE A 140 38.77 10.65 -12.21
C ILE A 140 37.46 10.00 -11.77
N LEU A 141 37.52 9.26 -10.67
CA LEU A 141 36.36 8.55 -10.15
C LEU A 141 35.31 9.49 -9.58
N ARG A 142 35.75 10.45 -8.78
CA ARG A 142 34.84 11.33 -8.04
C ARG A 142 33.81 12.10 -8.89
N PRO A 143 34.22 12.68 -10.03
CA PRO A 143 33.20 13.37 -10.85
C PRO A 143 32.09 12.45 -11.34
N PHE A 144 32.39 11.15 -11.50
CA PHE A 144 31.40 10.18 -11.94
C PHE A 144 30.57 9.64 -10.78
N LYS A 145 31.17 9.62 -9.58
CA LYS A 145 30.44 9.29 -8.37
C LYS A 145 29.35 10.34 -8.16
N GLU A 146 29.72 11.59 -8.38
CA GLU A 146 28.82 12.72 -8.23
C GLU A 146 27.76 12.73 -9.33
N PHE A 147 28.15 12.35 -10.54
CA PHE A 147 27.21 12.23 -11.64
C PHE A 147 26.09 11.23 -11.33
N LEU A 148 26.48 10.07 -10.80
CA LEU A 148 25.54 9.04 -10.40
C LEU A 148 24.66 9.54 -9.26
N TYR A 149 25.28 10.20 -8.28
CA TYR A 149 24.56 10.68 -7.10
C TYR A 149 23.53 11.75 -7.43
N SER A 150 23.84 12.60 -8.41
CA SER A 150 22.91 13.65 -8.83
C SER A 150 21.76 13.05 -9.64
N TYR A 151 22.04 11.94 -10.32
CA TYR A 151 21.06 11.26 -11.15
C TYR A 151 20.01 10.57 -10.28
N ILE A 152 20.48 9.80 -9.30
CA ILE A 152 19.62 9.06 -8.38
C ILE A 152 19.00 10.00 -7.34
N GLY A 153 19.76 11.03 -6.98
CA GLY A 153 19.36 11.93 -5.92
C GLY A 153 19.76 11.40 -4.55
N VAL A 154 20.98 10.87 -4.46
CA VAL A 154 21.51 10.37 -3.20
C VAL A 154 21.38 11.45 -2.13
N PRO A 155 20.87 11.08 -0.94
CA PRO A 155 20.67 12.06 0.13
C PRO A 155 21.92 12.86 0.44
N LYS A 156 21.77 14.18 0.56
CA LYS A 156 22.90 15.03 0.94
C LYS A 156 22.85 15.34 2.44
N GLY A 157 21.73 15.06 3.08
CA GLY A 157 21.60 15.28 4.52
C GLY A 157 21.50 13.99 5.30
N ASP A 158 20.92 14.07 6.49
CA ASP A 158 20.76 12.90 7.34
C ASP A 158 19.43 12.24 7.02
N GLU A 159 18.62 12.92 6.22
CA GLU A 159 17.33 12.39 5.81
C GLU A 159 17.54 11.28 4.80
N PRO A 160 16.74 10.21 4.88
CA PRO A 160 16.80 9.08 3.95
C PRO A 160 15.99 9.38 2.69
N ILE A 161 16.05 10.62 2.23
CA ILE A 161 15.24 11.04 1.10
C ILE A 161 16.05 11.16 -0.18
N LEU A 162 15.57 10.50 -1.23
CA LEU A 162 16.16 10.60 -2.54
C LEU A 162 15.44 11.66 -3.34
N LYS A 163 16.19 12.35 -4.19
CA LYS A 163 15.61 13.33 -5.10
C LYS A 163 16.14 13.10 -6.52
N PRO A 164 15.52 12.15 -7.24
CA PRO A 164 15.93 11.84 -8.61
C PRO A 164 15.82 13.07 -9.48
N SER A 165 16.75 13.26 -10.40
CA SER A 165 16.70 14.37 -11.33
C SER A 165 15.47 14.21 -12.23
N LEU A 166 15.06 15.30 -12.87
CA LEU A 166 13.94 15.25 -13.80
C LEU A 166 14.26 14.31 -14.96
N PHE A 167 15.53 14.31 -15.38
CA PHE A 167 16.00 13.44 -16.45
C PHE A 167 15.80 11.97 -16.08
N ALA A 168 16.25 11.60 -14.89
CA ALA A 168 16.10 10.22 -14.42
C ALA A 168 14.63 9.81 -14.35
N TYR A 169 13.77 10.73 -13.93
CA TYR A 169 12.35 10.44 -13.79
C TYR A 169 11.70 10.21 -15.16
N ILE A 170 12.03 11.06 -16.12
CA ILE A 170 11.47 10.93 -17.46
C ILE A 170 11.97 9.65 -18.17
N VAL A 171 13.25 9.35 -18.01
CA VAL A 171 13.80 8.14 -18.60
C VAL A 171 13.12 6.92 -17.99
N PHE A 172 12.79 6.99 -16.71
CA PHE A 172 12.03 5.92 -16.08
C PHE A 172 10.65 5.75 -16.74
N LEU A 173 10.00 6.86 -17.04
CA LEU A 173 8.72 6.85 -17.75
C LEU A 173 8.86 6.18 -19.11
N ILE A 174 9.91 6.57 -19.84
CA ILE A 174 10.22 5.99 -21.14
C ILE A 174 10.50 4.49 -21.01
N THR A 175 11.26 4.12 -19.99
CA THR A 175 11.59 2.71 -19.77
C THR A 175 10.34 1.86 -19.47
N MET A 176 9.42 2.39 -18.65
CA MET A 176 8.14 1.73 -18.41
C MET A 176 7.35 1.59 -19.72
N PHE A 177 7.35 2.66 -20.50
CA PHE A 177 6.69 2.65 -21.79
C PHE A 177 7.24 1.56 -22.72
N ILE A 178 8.56 1.42 -22.80
CA ILE A 178 9.16 0.40 -23.65
C ILE A 178 8.79 -1.00 -23.19
N ASN A 179 8.83 -1.24 -21.88
CA ASN A 179 8.40 -2.52 -21.33
C ASN A 179 6.96 -2.83 -21.71
N VAL A 180 6.08 -1.86 -21.56
CA VAL A 180 4.67 -2.03 -21.87
C VAL A 180 4.46 -2.28 -23.36
N SER A 181 5.16 -1.52 -24.20
CA SER A 181 5.10 -1.68 -25.65
C SER A 181 5.34 -3.11 -26.07
N ILE A 182 6.33 -3.73 -25.47
CA ILE A 182 6.66 -5.12 -25.78
C ILE A 182 5.62 -6.06 -25.19
N LEU A 183 5.35 -5.90 -23.89
CA LEU A 183 4.46 -6.82 -23.18
C LEU A 183 3.03 -6.82 -23.70
N ILE A 184 2.56 -5.66 -24.14
CA ILE A 184 1.17 -5.56 -24.60
C ILE A 184 0.98 -6.27 -25.96
N ARG A 185 2.08 -6.59 -26.64
CA ARG A 185 2.00 -7.31 -27.91
C ARG A 185 1.97 -8.84 -27.70
N GLY A 186 2.19 -9.29 -26.48
CA GLY A 186 2.05 -10.71 -26.15
C GLY A 186 3.33 -11.54 -26.18
N ILE A 187 3.16 -12.85 -26.09
CA ILE A 187 4.29 -13.76 -26.01
C ILE A 187 5.07 -13.85 -27.31
N SER A 188 4.41 -14.21 -28.41
CA SER A 188 5.10 -14.39 -29.68
C SER A 188 5.38 -13.10 -30.43
N LYS A 189 4.39 -12.23 -30.53
CA LYS A 189 4.56 -11.00 -31.31
C LYS A 189 5.24 -9.90 -30.49
N GLY A 190 5.33 -10.11 -29.17
CA GLY A 190 5.97 -9.13 -28.31
C GLY A 190 7.27 -9.63 -27.71
N ILE A 191 7.18 -10.49 -26.70
CA ILE A 191 8.37 -10.96 -26.02
C ILE A 191 9.30 -11.77 -26.93
N GLU A 192 8.73 -12.70 -27.69
CA GLU A 192 9.53 -13.55 -28.60
C GLU A 192 10.17 -12.74 -29.71
N ARG A 193 9.38 -11.86 -30.32
CA ARG A 193 9.89 -11.01 -31.39
C ARG A 193 11.07 -10.16 -30.91
N PHE A 194 10.95 -9.58 -29.72
CA PHE A 194 12.01 -8.74 -29.18
C PHE A 194 13.26 -9.55 -28.82
N ALA A 195 13.06 -10.79 -28.37
CA ALA A 195 14.19 -11.66 -28.04
C ALA A 195 15.10 -11.89 -29.24
N LYS A 196 14.49 -12.09 -30.41
CA LYS A 196 15.22 -12.38 -31.64
C LYS A 196 16.02 -11.17 -32.13
N ILE A 197 15.66 -9.99 -31.63
CA ILE A 197 16.40 -8.77 -31.96
C ILE A 197 17.45 -8.47 -30.89
N ALA A 198 17.03 -8.59 -29.62
CA ALA A 198 17.86 -8.15 -28.51
C ALA A 198 19.03 -9.08 -28.21
N MET A 199 18.81 -10.39 -28.28
CA MET A 199 19.89 -11.32 -27.99
C MET A 199 21.06 -11.24 -28.99
N PRO A 200 20.77 -11.20 -30.30
CA PRO A 200 21.89 -10.97 -31.23
C PRO A 200 22.54 -9.60 -31.02
N THR A 201 21.72 -8.57 -30.78
CA THR A 201 22.23 -7.24 -30.49
C THR A 201 23.14 -7.24 -29.26
N LEU A 202 22.71 -7.97 -28.24
CA LEU A 202 23.47 -8.12 -27.00
C LEU A 202 24.81 -8.75 -27.31
N PHE A 203 24.79 -9.81 -28.11
CA PHE A 203 25.99 -10.55 -28.48
C PHE A 203 26.99 -9.67 -29.24
N ILE A 204 26.49 -8.90 -30.21
CA ILE A 204 27.33 -8.01 -30.99
C ILE A 204 27.95 -6.90 -30.13
N LEU A 205 27.14 -6.30 -29.26
CA LEU A 205 27.62 -5.26 -28.36
C LEU A 205 28.72 -5.78 -27.46
N ALA A 206 28.52 -6.97 -26.90
CA ALA A 206 29.50 -7.56 -25.99
C ALA A 206 30.81 -7.91 -26.70
N VAL A 207 30.70 -8.55 -27.86
CA VAL A 207 31.88 -8.94 -28.63
C VAL A 207 32.73 -7.73 -29.01
N PHE A 208 32.07 -6.66 -29.45
CA PHE A 208 32.77 -5.41 -29.75
C PHE A 208 33.51 -4.87 -28.52
N LEU A 209 32.85 -4.89 -27.37
CA LEU A 209 33.43 -4.42 -26.12
C LEU A 209 34.61 -5.30 -25.70
N VAL A 210 34.47 -6.61 -25.86
CA VAL A 210 35.55 -7.55 -25.53
C VAL A 210 36.79 -7.27 -26.37
N ILE A 211 36.60 -7.10 -27.67
CA ILE A 211 37.70 -6.80 -28.57
C ILE A 211 38.37 -5.48 -28.18
N ARG A 212 37.56 -4.45 -27.97
CA ARG A 212 38.11 -3.15 -27.65
C ARG A 212 38.80 -3.11 -26.28
N VAL A 213 38.26 -3.84 -25.32
CA VAL A 213 38.87 -3.95 -24.00
C VAL A 213 40.20 -4.70 -24.07
N PHE A 214 40.27 -5.72 -24.93
CA PHE A 214 41.50 -6.51 -25.07
C PHE A 214 42.63 -5.69 -25.70
N LEU A 215 42.29 -4.57 -26.32
CA LEU A 215 43.28 -3.70 -26.95
C LEU A 215 43.76 -2.60 -26.02
N LEU A 216 43.13 -2.48 -24.86
CA LEU A 216 43.48 -1.44 -23.90
C LEU A 216 44.90 -1.60 -23.34
N GLU A 217 45.70 -0.55 -23.48
CA GLU A 217 47.03 -0.50 -22.88
C GLU A 217 47.27 0.86 -22.24
N THR A 218 47.59 0.84 -20.95
CA THR A 218 47.82 2.05 -20.18
C THR A 218 49.16 1.96 -19.48
N PRO A 219 49.65 3.08 -18.92
CA PRO A 219 50.87 3.01 -18.09
C PRO A 219 50.71 2.09 -16.88
N ASN A 220 49.50 1.86 -16.43
CA ASN A 220 49.26 1.03 -15.25
C ASN A 220 49.06 -0.46 -15.54
N GLY A 221 48.75 -0.79 -16.80
CA GLY A 221 48.57 -2.19 -17.16
C GLY A 221 47.85 -2.48 -18.47
N THR A 222 47.48 -3.74 -18.63
CA THR A 222 46.81 -4.22 -19.84
C THR A 222 45.58 -5.04 -19.51
N ALA A 223 44.80 -5.37 -20.53
CA ALA A 223 43.62 -6.22 -20.33
C ALA A 223 44.06 -7.63 -19.96
N ALA A 224 45.19 -8.06 -20.52
CA ALA A 224 45.76 -9.35 -20.19
C ALA A 224 45.99 -9.49 -18.68
N ASP A 225 46.48 -8.42 -18.05
CA ASP A 225 46.65 -8.42 -16.60
C ASP A 225 45.31 -8.65 -15.91
N GLY A 226 44.26 -8.06 -16.47
CA GLY A 226 42.93 -8.21 -15.94
C GLY A 226 42.42 -9.63 -16.06
N LEU A 227 42.55 -10.21 -17.24
CA LEU A 227 42.19 -11.59 -17.46
C LEU A 227 43.03 -12.50 -16.56
N ASN A 228 44.30 -12.14 -16.41
CA ASN A 228 45.21 -12.85 -15.51
C ASN A 228 44.72 -12.88 -14.06
N PHE A 229 44.57 -11.70 -13.45
CA PHE A 229 44.12 -11.57 -12.07
C PHE A 229 42.83 -12.36 -11.83
N LEU A 230 41.92 -12.28 -12.79
CA LEU A 230 40.62 -12.91 -12.67
C LEU A 230 40.67 -14.43 -12.77
N TRP A 231 41.56 -14.95 -13.61
CA TRP A 231 41.52 -16.38 -13.89
C TRP A 231 42.61 -17.22 -13.22
N THR A 232 43.64 -16.58 -12.67
CA THR A 232 44.64 -17.31 -11.89
C THR A 232 43.96 -17.93 -10.66
N PRO A 233 44.02 -19.25 -10.55
CA PRO A 233 43.35 -20.00 -9.48
C PRO A 233 43.98 -19.76 -8.11
N ASP A 234 43.12 -19.70 -7.10
CA ASP A 234 43.56 -19.69 -5.71
C ASP A 234 42.82 -20.82 -5.02
N PHE A 235 43.38 -22.03 -5.15
CA PHE A 235 42.71 -23.23 -4.65
C PHE A 235 42.58 -23.26 -3.13
N GLU A 236 43.30 -22.37 -2.45
CA GLU A 236 43.24 -22.32 -1.00
C GLU A 236 41.88 -21.80 -0.53
N LYS A 237 41.20 -21.06 -1.40
CA LYS A 237 39.89 -20.52 -1.06
C LYS A 237 38.80 -21.59 -1.11
N LEU A 238 39.08 -22.72 -1.76
CA LEU A 238 38.13 -23.81 -1.87
C LEU A 238 37.83 -24.50 -0.53
N LYS A 239 38.72 -24.28 0.44
CA LYS A 239 38.50 -24.76 1.80
C LYS A 239 37.35 -24.01 2.46
N ASP A 240 37.26 -22.71 2.16
CA ASP A 240 36.23 -21.84 2.72
C ASP A 240 34.86 -22.25 2.21
N PRO A 241 33.96 -22.62 3.13
CA PRO A 241 32.58 -22.99 2.79
C PRO A 241 31.82 -21.81 2.17
N GLY A 242 32.18 -20.59 2.53
CA GLY A 242 31.53 -19.40 2.01
C GLY A 242 31.77 -19.20 0.52
N VAL A 243 32.82 -19.84 0.01
CA VAL A 243 33.11 -19.80 -1.42
C VAL A 243 32.15 -20.74 -2.15
N TRP A 244 31.82 -21.85 -1.51
CA TRP A 244 30.86 -22.80 -2.07
C TRP A 244 29.43 -22.26 -1.94
N ILE A 245 29.16 -21.53 -0.86
CA ILE A 245 27.88 -20.85 -0.70
C ILE A 245 27.76 -19.78 -1.78
N ALA A 246 28.84 -19.03 -1.99
CA ALA A 246 28.85 -17.98 -2.99
C ALA A 246 28.56 -18.54 -4.40
N ALA A 247 29.12 -19.71 -4.69
CA ALA A 247 28.93 -20.36 -5.99
C ALA A 247 27.49 -20.82 -6.20
N VAL A 248 26.94 -21.52 -5.20
CA VAL A 248 25.57 -22.01 -5.28
C VAL A 248 24.62 -20.82 -5.41
N GLY A 249 24.91 -19.76 -4.66
CA GLY A 249 24.14 -18.53 -4.73
C GLY A 249 24.26 -17.86 -6.09
N GLN A 250 25.48 -17.74 -6.59
CA GLN A 250 25.73 -17.09 -7.86
C GLN A 250 24.99 -17.79 -9.01
N ILE A 251 25.05 -19.13 -9.04
CA ILE A 251 24.36 -19.93 -10.05
C ILE A 251 22.83 -19.79 -9.94
N PHE A 252 22.32 -19.88 -8.71
CA PHE A 252 20.88 -19.76 -8.48
C PHE A 252 20.32 -18.42 -8.97
N PHE A 253 21.04 -17.34 -8.67
CA PHE A 253 20.63 -15.99 -9.07
C PHE A 253 20.81 -15.71 -10.56
N SER A 254 21.92 -16.17 -11.13
CA SER A 254 22.21 -15.96 -12.54
C SER A 254 21.21 -16.65 -13.48
N LEU A 255 20.74 -17.82 -13.07
CA LEU A 255 19.78 -18.57 -13.87
C LEU A 255 18.32 -18.10 -13.65
N GLY A 256 18.13 -17.20 -12.68
CA GLY A 256 16.83 -16.66 -12.32
C GLY A 256 15.85 -17.67 -11.76
N LEU A 257 16.37 -18.65 -11.03
CA LEU A 257 15.53 -19.68 -10.43
C LEU A 257 14.75 -19.13 -9.25
N GLY A 258 13.54 -19.65 -9.04
CA GLY A 258 12.71 -19.24 -7.92
C GLY A 258 11.98 -17.90 -7.97
N PHE A 259 11.80 -17.33 -9.17
CA PHE A 259 11.18 -15.99 -9.35
C PHE A 259 9.77 -16.13 -9.93
N GLY A 260 9.41 -17.35 -10.36
CA GLY A 260 8.13 -17.55 -11.00
C GLY A 260 8.19 -17.22 -12.48
N ALA A 261 9.19 -16.46 -12.90
CA ALA A 261 9.29 -16.06 -14.31
C ALA A 261 9.48 -17.26 -15.26
N ILE A 262 10.37 -18.18 -14.90
CA ILE A 262 10.64 -19.36 -15.73
C ILE A 262 9.41 -20.27 -15.85
N ILE A 263 8.71 -20.46 -14.75
CA ILE A 263 7.49 -21.26 -14.73
C ILE A 263 6.47 -20.65 -15.68
N THR A 264 6.28 -19.34 -15.56
CA THR A 264 5.29 -18.63 -16.37
C THR A 264 5.63 -18.67 -17.86
N PHE A 265 6.89 -18.42 -18.20
CA PHE A 265 7.33 -18.48 -19.58
C PHE A 265 7.15 -19.89 -20.16
N ALA A 266 7.47 -20.89 -19.35
CA ALA A 266 7.34 -22.28 -19.77
C ALA A 266 5.88 -22.71 -19.95
N SER A 267 4.95 -21.96 -19.38
CA SER A 267 3.53 -22.29 -19.51
C SER A 267 2.98 -21.99 -20.91
N TYR A 268 3.76 -21.28 -21.71
CA TYR A 268 3.37 -21.01 -23.09
C TYR A 268 4.04 -21.98 -24.05
N VAL A 269 4.73 -22.97 -23.49
CA VAL A 269 5.25 -24.09 -24.26
C VAL A 269 4.14 -25.14 -24.36
N ARG A 270 3.95 -25.69 -25.55
CA ARG A 270 2.90 -26.67 -25.80
C ARG A 270 3.12 -27.96 -25.01
N LYS A 271 2.04 -28.69 -24.76
CA LYS A 271 2.06 -29.84 -23.84
C LYS A 271 3.17 -30.85 -24.07
N ASP A 272 3.45 -31.18 -25.33
CA ASP A 272 4.41 -32.23 -25.63
C ASP A 272 5.68 -31.70 -26.30
N GLN A 273 5.84 -30.37 -26.30
CA GLN A 273 7.04 -29.73 -26.83
C GLN A 273 8.22 -29.91 -25.87
N ASP A 274 9.40 -30.19 -26.42
CA ASP A 274 10.61 -30.45 -25.62
C ASP A 274 10.97 -29.33 -24.65
N ILE A 275 11.38 -29.71 -23.43
CA ILE A 275 11.86 -28.74 -22.46
C ILE A 275 13.25 -29.11 -21.93
N VAL A 276 13.62 -30.37 -22.09
CA VAL A 276 14.91 -30.84 -21.61
C VAL A 276 16.09 -30.21 -22.38
N LEU A 277 16.05 -30.29 -23.70
CA LEU A 277 17.12 -29.74 -24.52
C LEU A 277 17.05 -28.22 -24.62
N SER A 278 15.83 -27.71 -24.79
CA SER A 278 15.61 -26.26 -24.83
C SER A 278 16.08 -25.62 -23.53
N GLY A 279 15.75 -26.24 -22.41
CA GLY A 279 16.13 -25.71 -21.13
C GLY A 279 17.63 -25.70 -20.92
N LEU A 280 18.27 -26.82 -21.23
CA LEU A 280 19.73 -26.93 -21.14
C LEU A 280 20.45 -25.89 -22.00
N THR A 281 19.92 -25.66 -23.20
CA THR A 281 20.52 -24.72 -24.14
C THR A 281 20.40 -23.29 -23.63
N ALA A 282 19.23 -22.96 -23.07
CA ALA A 282 19.00 -21.63 -22.53
C ALA A 282 19.95 -21.34 -21.37
N ALA A 283 20.08 -22.31 -20.47
CA ALA A 283 20.97 -22.17 -19.32
C ALA A 283 22.42 -22.02 -19.77
N THR A 284 22.78 -22.77 -20.81
CA THR A 284 24.12 -22.72 -21.38
C THR A 284 24.41 -21.35 -21.97
N LEU A 285 23.44 -20.80 -22.69
CA LEU A 285 23.59 -19.46 -23.24
C LEU A 285 23.91 -18.46 -22.14
N ASN A 286 23.19 -18.57 -21.02
CA ASN A 286 23.44 -17.72 -19.87
C ASN A 286 24.85 -17.87 -19.32
N GLU A 287 25.31 -19.10 -19.20
CA GLU A 287 26.66 -19.38 -18.70
C GLU A 287 27.74 -18.81 -19.60
N LYS A 288 27.59 -19.03 -20.91
CA LYS A 288 28.56 -18.54 -21.88
C LYS A 288 28.63 -17.02 -21.84
N ALA A 289 27.46 -16.39 -21.80
CA ALA A 289 27.37 -14.93 -21.72
C ALA A 289 28.01 -14.44 -20.42
N GLU A 290 27.88 -15.25 -19.39
CA GLU A 290 28.39 -14.92 -18.06
C GLU A 290 29.92 -15.01 -17.98
N VAL A 291 30.48 -16.19 -18.25
CA VAL A 291 31.92 -16.39 -18.07
C VAL A 291 32.80 -15.87 -19.22
N ILE A 292 32.33 -16.00 -20.46
CA ILE A 292 33.11 -15.57 -21.62
C ILE A 292 33.03 -14.06 -21.84
N LEU A 293 31.81 -13.54 -21.94
CA LEU A 293 31.64 -12.13 -22.23
C LEU A 293 31.75 -11.27 -20.97
N GLY A 294 30.99 -11.63 -19.95
CA GLY A 294 30.97 -10.90 -18.71
C GLY A 294 32.32 -10.87 -18.04
N GLY A 295 33.03 -12.00 -18.08
CA GLY A 295 34.35 -12.06 -17.46
C GLY A 295 35.45 -11.36 -18.26
N SER A 296 35.17 -11.01 -19.51
CA SER A 296 36.21 -10.45 -20.37
C SER A 296 36.13 -8.93 -20.52
N ILE A 297 35.04 -8.34 -20.02
CA ILE A 297 34.84 -6.91 -20.21
C ILE A 297 35.19 -6.07 -18.97
N SER A 298 34.34 -6.08 -17.95
CA SER A 298 34.46 -5.13 -16.83
C SER A 298 35.75 -5.20 -16.01
N ILE A 299 36.10 -6.39 -15.50
CA ILE A 299 37.32 -6.54 -14.69
C ILE A 299 38.63 -6.31 -15.48
N PRO A 300 38.80 -6.97 -16.65
CA PRO A 300 40.02 -6.67 -17.41
C PRO A 300 40.15 -5.19 -17.76
N ALA A 301 39.02 -4.52 -18.02
CA ALA A 301 39.06 -3.09 -18.32
C ALA A 301 39.50 -2.29 -17.10
N ALA A 302 38.93 -2.62 -15.94
CA ALA A 302 39.24 -1.92 -14.70
C ALA A 302 40.70 -2.11 -14.29
N VAL A 303 41.18 -3.34 -14.39
CA VAL A 303 42.55 -3.67 -14.02
C VAL A 303 43.56 -3.08 -15.03
N ALA A 304 43.18 -3.03 -16.31
CA ALA A 304 44.03 -2.42 -17.32
C ALA A 304 44.31 -0.95 -17.00
N PHE A 305 43.29 -0.24 -16.53
CA PHE A 305 43.42 1.19 -16.31
C PHE A 305 44.06 1.54 -14.97
N PHE A 306 43.68 0.80 -13.92
CA PHE A 306 44.14 1.13 -12.57
C PHE A 306 45.30 0.26 -12.08
N GLY A 307 45.62 -0.78 -12.82
CA GLY A 307 46.74 -1.64 -12.47
C GLY A 307 46.31 -2.81 -11.61
N VAL A 308 47.05 -3.91 -11.72
CA VAL A 308 46.78 -5.12 -10.96
C VAL A 308 46.93 -4.88 -9.45
N ALA A 309 47.66 -3.83 -9.08
CA ALA A 309 47.82 -3.46 -7.68
C ALA A 309 46.48 -3.14 -7.02
N ASN A 310 45.57 -2.57 -7.80
CA ASN A 310 44.27 -2.17 -7.27
C ASN A 310 43.15 -3.16 -7.63
N ALA A 311 43.53 -4.29 -8.19
CA ALA A 311 42.55 -5.31 -8.60
C ALA A 311 41.67 -5.79 -7.44
N VAL A 312 42.30 -6.09 -6.31
CA VAL A 312 41.59 -6.53 -5.12
C VAL A 312 40.64 -5.44 -4.60
N ALA A 313 41.15 -4.21 -4.56
CA ALA A 313 40.34 -3.06 -4.15
C ALA A 313 39.15 -2.84 -5.07
N ILE A 314 39.35 -3.05 -6.38
CA ILE A 314 38.29 -2.88 -7.37
C ILE A 314 37.18 -3.91 -7.14
N ALA A 315 37.60 -5.16 -6.94
CA ALA A 315 36.66 -6.24 -6.69
C ALA A 315 35.86 -5.99 -5.42
N LYS A 316 36.52 -5.52 -4.37
CA LYS A 316 35.84 -5.28 -3.10
C LYS A 316 34.92 -4.06 -3.14
N ALA A 317 35.18 -3.13 -4.06
CA ALA A 317 34.31 -1.97 -4.19
C ALA A 317 32.94 -2.37 -4.75
N GLY A 318 32.86 -3.57 -5.33
CA GLY A 318 31.59 -4.14 -5.72
C GLY A 318 31.15 -4.03 -7.16
N ALA A 319 30.16 -4.82 -7.52
CA ALA A 319 29.64 -4.87 -8.89
C ALA A 319 29.00 -3.55 -9.33
N PHE A 320 28.26 -2.91 -8.44
CA PHE A 320 27.56 -1.67 -8.80
C PHE A 320 28.52 -0.50 -9.09
N ASN A 321 29.48 -0.27 -8.21
CA ASN A 321 30.47 0.78 -8.41
C ASN A 321 31.29 0.55 -9.68
N LEU A 322 31.58 -0.72 -9.96
CA LEU A 322 32.34 -1.10 -11.14
C LEU A 322 31.59 -0.71 -12.41
N GLY A 323 30.29 -0.98 -12.44
CA GLY A 323 29.50 -0.79 -13.63
C GLY A 323 28.97 0.63 -13.81
N PHE A 324 28.84 1.37 -12.72
CA PHE A 324 28.22 2.69 -12.82
C PHE A 324 29.17 3.84 -12.51
N ILE A 325 30.32 3.53 -11.91
CA ILE A 325 31.29 4.57 -11.60
C ILE A 325 32.65 4.32 -12.24
N THR A 326 33.25 3.18 -11.91
CA THR A 326 34.61 2.86 -12.33
C THR A 326 34.73 2.81 -13.86
N LEU A 327 33.92 1.97 -14.49
CA LEU A 327 33.93 1.84 -15.94
C LEU A 327 33.59 3.14 -16.71
N PRO A 328 32.54 3.87 -16.27
CA PRO A 328 32.33 5.18 -16.91
C PRO A 328 33.54 6.11 -16.81
N ALA A 329 34.20 6.15 -15.66
CA ALA A 329 35.39 7.00 -15.50
C ALA A 329 36.51 6.60 -16.46
N ILE A 330 36.73 5.29 -16.60
CA ILE A 330 37.73 4.75 -17.50
C ILE A 330 37.45 5.15 -18.94
N PHE A 331 36.19 5.05 -19.34
CA PHE A 331 35.77 5.40 -20.69
C PHE A 331 36.03 6.88 -20.99
N SER A 332 35.93 7.73 -19.98
CA SER A 332 36.16 9.16 -20.20
C SER A 332 37.65 9.45 -20.40
N GLN A 333 38.48 8.42 -20.20
CA GLN A 333 39.93 8.57 -20.29
C GLN A 333 40.47 7.76 -21.45
N THR A 334 39.58 7.13 -22.20
CA THR A 334 39.98 6.30 -23.32
C THR A 334 39.50 6.92 -24.63
N ALA A 335 40.20 6.60 -25.72
CA ALA A 335 39.89 7.14 -27.05
C ALA A 335 38.56 6.59 -27.56
N GLY A 336 37.65 7.50 -27.91
CA GLY A 336 36.32 7.11 -28.34
C GLY A 336 35.53 6.51 -27.18
N GLY A 337 35.95 6.84 -25.96
CA GLY A 337 35.36 6.26 -24.76
C GLY A 337 33.93 6.71 -24.56
N THR A 338 33.59 7.82 -25.18
CA THR A 338 32.24 8.34 -25.17
C THR A 338 31.25 7.41 -25.86
N PHE A 339 31.63 6.92 -27.03
CA PHE A 339 30.79 5.97 -27.74
C PHE A 339 30.90 4.60 -27.08
N LEU A 340 32.04 4.36 -26.44
CA LEU A 340 32.25 3.15 -25.67
C LEU A 340 31.29 3.08 -24.46
N GLY A 341 31.13 4.20 -23.76
CA GLY A 341 30.24 4.29 -22.62
C GLY A 341 28.80 4.06 -23.03
N PHE A 342 28.42 4.60 -24.18
CA PHE A 342 27.08 4.38 -24.72
C PHE A 342 26.81 2.91 -24.95
N LEU A 343 27.76 2.20 -25.54
CA LEU A 343 27.62 0.79 -25.84
C LEU A 343 27.52 -0.06 -24.58
N TRP A 344 28.31 0.30 -23.57
CA TRP A 344 28.30 -0.42 -22.32
C TRP A 344 26.92 -0.33 -21.68
N PHE A 345 26.37 0.88 -21.61
CA PHE A 345 25.07 1.10 -21.00
C PHE A 345 23.89 0.67 -21.88
N PHE A 346 24.07 0.73 -23.20
CA PHE A 346 23.08 0.19 -24.13
C PHE A 346 23.00 -1.32 -23.91
N LEU A 347 24.16 -1.96 -23.79
CA LEU A 347 24.24 -3.40 -23.49
C LEU A 347 23.54 -3.74 -22.18
N LEU A 348 23.84 -2.97 -21.13
CA LEU A 348 23.22 -3.21 -19.84
C LEU A 348 21.72 -2.98 -19.92
N PHE A 349 21.31 -2.01 -20.72
CA PHE A 349 19.89 -1.72 -20.88
C PHE A 349 19.13 -2.87 -21.53
N PHE A 350 19.67 -3.44 -22.60
CA PHE A 350 19.00 -4.57 -23.25
C PHE A 350 19.04 -5.82 -22.37
N ALA A 351 20.12 -5.96 -21.61
CA ALA A 351 20.23 -7.04 -20.64
C ALA A 351 19.11 -6.91 -19.60
N GLY A 352 18.88 -5.69 -19.13
CA GLY A 352 17.82 -5.44 -18.18
C GLY A 352 16.44 -5.57 -18.78
N LEU A 353 16.25 -5.02 -19.97
CA LEU A 353 14.95 -5.02 -20.62
C LEU A 353 14.42 -6.42 -20.91
N THR A 354 15.29 -7.30 -21.37
CA THR A 354 14.91 -8.67 -21.67
C THR A 354 14.55 -9.42 -20.39
N SER A 355 15.05 -8.94 -19.26
CA SER A 355 14.77 -9.59 -17.99
C SER A 355 13.49 -9.04 -17.35
N SER A 356 13.26 -7.74 -17.44
CA SER A 356 12.10 -7.14 -16.81
C SER A 356 10.76 -7.48 -17.50
N ILE A 357 10.77 -7.61 -18.83
CA ILE A 357 9.53 -8.03 -19.51
C ILE A 357 9.14 -9.44 -19.07
N ALA A 358 10.15 -10.29 -18.89
CA ALA A 358 9.93 -11.64 -18.38
C ALA A 358 9.46 -11.63 -16.93
N GLY A 359 9.97 -10.68 -16.15
CA GLY A 359 9.67 -10.62 -14.73
C GLY A 359 8.32 -10.02 -14.40
N MET A 360 7.70 -9.37 -15.39
CA MET A 360 6.36 -8.80 -15.21
C MET A 360 5.26 -9.69 -15.77
N GLN A 361 5.66 -10.67 -16.57
CA GLN A 361 4.71 -11.62 -17.15
C GLN A 361 3.90 -12.48 -16.14
N PRO A 362 4.51 -12.89 -15.02
CA PRO A 362 3.68 -13.64 -14.07
C PRO A 362 2.46 -12.87 -13.57
N MET A 363 2.61 -11.59 -13.28
CA MET A 363 1.46 -10.82 -12.85
C MET A 363 0.46 -10.69 -13.99
N ILE A 364 0.97 -10.47 -15.20
CA ILE A 364 0.12 -10.37 -16.39
C ILE A 364 -0.62 -11.69 -16.64
N ALA A 365 0.11 -12.79 -16.59
CA ALA A 365 -0.47 -14.13 -16.76
C ALA A 365 -1.54 -14.44 -15.70
N PHE A 366 -1.30 -14.04 -14.46
CA PHE A 366 -2.28 -14.26 -13.39
C PHE A 366 -3.59 -13.55 -13.69
N LEU A 367 -3.50 -12.28 -14.08
CA LEU A 367 -4.68 -11.47 -14.40
C LEU A 367 -5.44 -12.04 -15.60
N GLU A 368 -4.68 -12.52 -16.58
CA GLU A 368 -5.27 -13.16 -17.75
C GLU A 368 -5.89 -14.52 -17.40
N ASP A 369 -5.10 -15.39 -16.77
CA ASP A 369 -5.53 -16.77 -16.53
C ASP A 369 -6.63 -16.92 -15.49
N GLU A 370 -6.52 -16.16 -14.39
CA GLU A 370 -7.39 -16.39 -13.24
C GLU A 370 -8.50 -15.36 -13.09
N LEU A 371 -8.25 -14.13 -13.53
CA LEU A 371 -9.26 -13.09 -13.45
C LEU A 371 -9.84 -12.75 -14.83
N LYS A 372 -9.38 -13.47 -15.84
CA LYS A 372 -9.92 -13.39 -17.20
C LYS A 372 -9.83 -11.99 -17.83
N LEU A 373 -8.80 -11.25 -17.45
CA LEU A 373 -8.58 -9.94 -18.05
C LEU A 373 -8.02 -10.11 -19.44
N SER A 374 -8.29 -9.14 -20.32
CA SER A 374 -7.65 -9.16 -21.62
C SER A 374 -6.18 -8.85 -21.42
N ARG A 375 -5.36 -9.19 -22.40
CA ARG A 375 -3.93 -8.96 -22.32
C ARG A 375 -3.67 -7.47 -22.13
N LYS A 376 -4.41 -6.64 -22.86
CA LYS A 376 -4.24 -5.20 -22.77
C LYS A 376 -4.47 -4.71 -21.35
N HIS A 377 -5.58 -5.13 -20.74
CA HIS A 377 -5.92 -4.73 -19.39
C HIS A 377 -4.91 -5.28 -18.39
N ALA A 378 -4.50 -6.53 -18.59
CA ALA A 378 -3.54 -7.20 -17.71
C ALA A 378 -2.19 -6.52 -17.73
N VAL A 379 -1.73 -6.14 -18.92
CA VAL A 379 -0.45 -5.46 -19.05
C VAL A 379 -0.50 -4.08 -18.42
N LEU A 380 -1.56 -3.33 -18.70
CA LEU A 380 -1.69 -1.96 -18.22
C LEU A 380 -1.83 -1.89 -16.70
N TRP A 381 -2.64 -2.76 -16.11
CA TRP A 381 -2.81 -2.77 -14.66
C TRP A 381 -1.56 -3.22 -13.94
N THR A 382 -0.86 -4.20 -14.50
CA THR A 382 0.41 -4.67 -13.95
C THR A 382 1.41 -3.53 -13.97
N ALA A 383 1.51 -2.83 -15.10
CA ALA A 383 2.39 -1.69 -15.23
C ALA A 383 2.01 -0.57 -14.25
N ALA A 384 0.71 -0.38 -14.05
CA ALA A 384 0.21 0.65 -13.13
C ALA A 384 0.65 0.36 -11.68
N ILE A 385 0.51 -0.89 -11.25
CA ILE A 385 0.94 -1.29 -9.92
C ILE A 385 2.45 -1.11 -9.76
N VAL A 386 3.20 -1.51 -10.78
CA VAL A 386 4.65 -1.41 -10.73
C VAL A 386 5.11 0.05 -10.79
N PHE A 387 4.52 0.84 -11.69
CA PHE A 387 4.88 2.24 -11.81
C PHE A 387 4.63 2.99 -10.51
N PHE A 388 3.45 2.81 -9.95
CA PHE A 388 3.08 3.46 -8.71
C PHE A 388 4.03 3.07 -7.56
N SER A 389 4.19 1.76 -7.34
CA SER A 389 5.00 1.27 -6.23
C SER A 389 6.45 1.72 -6.32
N ALA A 390 6.94 1.91 -7.55
CA ALA A 390 8.33 2.27 -7.78
C ALA A 390 8.70 3.62 -7.18
N HIS A 391 7.68 4.45 -6.93
CA HIS A 391 7.92 5.76 -6.31
C HIS A 391 8.52 5.63 -4.91
N LEU A 392 8.24 4.52 -4.24
CA LEU A 392 8.87 4.21 -2.97
C LEU A 392 10.37 3.98 -3.15
N VAL A 393 10.72 3.25 -4.21
CA VAL A 393 12.13 2.97 -4.48
C VAL A 393 12.88 4.23 -4.94
N MET A 394 12.21 5.09 -5.67
CA MET A 394 12.81 6.31 -6.20
C MET A 394 13.01 7.41 -5.14
N PHE A 395 12.20 7.40 -4.09
CA PHE A 395 12.23 8.51 -3.14
C PHE A 395 12.71 8.16 -1.74
N LEU A 396 12.69 6.88 -1.42
CA LEU A 396 13.11 6.43 -0.11
C LEU A 396 14.43 5.67 -0.16
N ASN A 397 15.45 6.25 0.48
CA ASN A 397 16.79 5.67 0.51
C ASN A 397 16.77 4.29 1.20
N LYS A 398 17.49 3.32 0.63
CA LYS A 398 17.58 1.92 1.11
C LYS A 398 16.30 1.09 0.93
N SER A 399 15.24 1.66 0.35
CA SER A 399 14.02 0.89 0.12
C SER A 399 14.28 -0.25 -0.88
N LEU A 400 15.05 0.08 -1.90
CA LEU A 400 15.52 -0.84 -2.93
C LEU A 400 16.20 -2.07 -2.33
N ASP A 401 17.12 -1.82 -1.40
CA ASP A 401 17.90 -2.88 -0.77
C ASP A 401 17.02 -3.78 0.06
N GLU A 402 16.02 -3.18 0.72
CA GLU A 402 15.11 -3.92 1.55
C GLU A 402 14.25 -4.87 0.70
N MET A 403 13.78 -4.35 -0.44
CA MET A 403 12.97 -5.18 -1.33
C MET A 403 13.82 -6.29 -1.93
N ASP A 404 15.05 -5.94 -2.30
CA ASP A 404 15.97 -6.89 -2.90
C ASP A 404 16.38 -8.00 -1.93
N PHE A 405 16.38 -7.70 -0.65
CA PHE A 405 16.75 -8.71 0.34
C PHE A 405 15.63 -9.74 0.52
N TRP A 406 14.44 -9.26 0.87
CA TRP A 406 13.31 -10.16 1.16
C TRP A 406 12.80 -10.94 -0.04
N ALA A 407 12.57 -10.25 -1.15
CA ALA A 407 12.04 -10.89 -2.36
C ALA A 407 13.14 -11.42 -3.27
N GLY A 408 14.15 -10.60 -3.51
CA GLY A 408 15.17 -10.94 -4.47
C GLY A 408 16.27 -11.86 -3.99
N THR A 409 16.39 -12.06 -2.69
CA THR A 409 17.49 -12.87 -2.16
C THR A 409 16.97 -14.06 -1.34
N ILE A 410 16.47 -13.76 -0.16
CA ILE A 410 15.86 -14.79 0.70
C ILE A 410 14.67 -15.46 0.04
N GLY A 411 13.79 -14.64 -0.53
CA GLY A 411 12.57 -15.10 -1.16
C GLY A 411 12.76 -16.18 -2.21
N VAL A 412 13.62 -15.92 -3.19
CA VAL A 412 13.78 -16.84 -4.32
C VAL A 412 14.33 -18.21 -3.90
N VAL A 413 15.24 -18.23 -2.92
CA VAL A 413 15.82 -19.50 -2.49
C VAL A 413 14.79 -20.32 -1.73
N PHE A 414 14.01 -19.66 -0.87
CA PHE A 414 12.88 -20.28 -0.18
C PHE A 414 11.87 -20.83 -1.19
N PHE A 415 11.60 -20.05 -2.23
CA PHE A 415 10.64 -20.42 -3.25
C PHE A 415 11.19 -21.54 -4.14
N GLY A 416 12.50 -21.51 -4.37
CA GLY A 416 13.17 -22.57 -5.10
C GLY A 416 13.00 -23.90 -4.40
N LEU A 417 13.23 -23.90 -3.09
CA LEU A 417 13.04 -25.10 -2.26
C LEU A 417 11.58 -25.57 -2.23
N THR A 418 10.65 -24.62 -2.12
CA THR A 418 9.22 -24.94 -2.08
C THR A 418 8.78 -25.63 -3.37
N GLU A 419 9.33 -25.18 -4.50
CA GLU A 419 9.03 -25.75 -5.80
C GLU A 419 9.42 -27.21 -5.87
N LEU A 420 10.66 -27.50 -5.49
CA LEU A 420 11.18 -28.87 -5.47
C LEU A 420 10.27 -29.80 -4.67
N ILE A 421 9.97 -29.39 -3.44
CA ILE A 421 9.21 -30.22 -2.52
C ILE A 421 7.80 -30.51 -3.05
N ILE A 422 7.13 -29.48 -3.53
CA ILE A 422 5.77 -29.64 -4.03
C ILE A 422 5.74 -30.57 -5.25
N PHE A 423 6.72 -30.39 -6.14
CA PHE A 423 6.79 -31.15 -7.39
C PHE A 423 7.35 -32.56 -7.21
N PHE A 424 8.55 -32.67 -6.65
CA PHE A 424 9.22 -33.98 -6.53
C PHE A 424 8.81 -34.83 -5.32
N TRP A 425 8.30 -34.19 -4.27
CA TRP A 425 7.95 -34.93 -3.05
C TRP A 425 6.44 -35.09 -2.83
N ILE A 426 5.70 -33.99 -2.96
CA ILE A 426 4.26 -34.03 -2.75
C ILE A 426 3.54 -34.56 -3.98
N PHE A 427 3.77 -33.93 -5.12
CA PHE A 427 3.16 -34.35 -6.38
C PHE A 427 3.60 -35.78 -6.71
N GLY A 428 4.85 -36.09 -6.44
CA GLY A 428 5.38 -37.42 -6.67
C GLY A 428 6.56 -37.41 -7.62
N ALA A 429 7.68 -37.97 -7.18
CA ALA A 429 8.93 -37.97 -7.96
C ALA A 429 8.79 -38.65 -9.31
N ASP A 430 8.03 -39.75 -9.34
CA ASP A 430 7.84 -40.52 -10.56
C ASP A 430 6.97 -39.78 -11.58
N LYS A 431 5.91 -39.15 -11.07
CA LYS A 431 5.04 -38.34 -11.91
C LYS A 431 5.81 -37.11 -12.41
N ALA A 432 6.64 -36.55 -11.53
CA ALA A 432 7.49 -35.41 -11.87
C ALA A 432 8.54 -35.74 -12.94
N TRP A 433 9.20 -36.88 -12.76
CA TRP A 433 10.22 -37.34 -13.69
C TRP A 433 9.65 -37.57 -15.09
N GLU A 434 8.48 -38.18 -15.16
CA GLU A 434 7.82 -38.41 -16.43
C GLU A 434 7.38 -37.09 -17.05
N GLU A 435 7.00 -36.15 -16.19
CA GLU A 435 6.56 -34.85 -16.65
C GLU A 435 7.69 -34.07 -17.29
N ILE A 436 8.90 -34.22 -16.73
CA ILE A 436 10.06 -33.51 -17.26
C ILE A 436 10.50 -34.08 -18.62
N ASN A 437 10.57 -35.40 -18.71
CA ASN A 437 11.14 -36.06 -19.89
C ASN A 437 10.20 -36.19 -21.08
N ARG A 438 8.90 -36.06 -20.84
CA ARG A 438 7.92 -36.17 -21.91
C ARG A 438 8.19 -35.17 -23.03
N GLY A 439 8.29 -35.69 -24.25
CA GLY A 439 8.50 -34.88 -25.44
C GLY A 439 9.94 -34.43 -25.60
N GLY A 440 10.80 -34.89 -24.70
CA GLY A 440 12.20 -34.50 -24.71
C GLY A 440 12.97 -35.03 -25.90
N ILE A 441 13.68 -34.14 -26.58
CA ILE A 441 14.56 -34.52 -27.68
C ILE A 441 15.70 -35.37 -27.13
N ILE A 442 16.19 -34.98 -25.96
CA ILE A 442 17.10 -35.82 -25.21
C ILE A 442 16.44 -36.15 -23.88
N LYS A 443 16.87 -37.22 -23.23
CA LYS A 443 16.31 -37.57 -21.94
C LYS A 443 17.25 -37.16 -20.82
N VAL A 444 16.68 -36.71 -19.70
CA VAL A 444 17.48 -36.33 -18.55
C VAL A 444 18.19 -37.58 -18.03
N PRO A 445 19.52 -37.51 -17.87
CA PRO A 445 20.32 -38.61 -17.32
C PRO A 445 19.72 -39.15 -16.02
N ARG A 446 19.61 -40.48 -15.91
CA ARG A 446 18.94 -41.12 -14.77
C ARG A 446 19.51 -40.70 -13.41
N ILE A 447 20.77 -40.29 -13.39
CA ILE A 447 21.41 -39.87 -12.16
C ILE A 447 20.72 -38.65 -11.55
N TYR A 448 20.10 -37.83 -12.41
CA TYR A 448 19.44 -36.61 -11.97
C TYR A 448 18.16 -36.85 -11.17
N TYR A 449 17.64 -38.07 -11.22
CA TYR A 449 16.47 -38.42 -10.45
C TYR A 449 16.77 -38.33 -8.96
N TYR A 450 17.99 -38.72 -8.60
CA TYR A 450 18.43 -38.69 -7.21
C TYR A 450 18.89 -37.29 -6.82
N VAL A 451 19.55 -36.61 -7.76
CA VAL A 451 20.00 -35.24 -7.55
C VAL A 451 18.82 -34.32 -7.23
N MET A 452 17.80 -34.40 -8.07
CA MET A 452 16.61 -33.57 -7.93
C MET A 452 15.87 -33.85 -6.63
N ARG A 453 15.91 -35.11 -6.21
CA ARG A 453 15.13 -35.54 -5.05
C ARG A 453 15.85 -35.30 -3.72
N TYR A 454 17.17 -35.44 -3.70
CA TYR A 454 17.92 -35.33 -2.46
C TYR A 454 18.98 -34.23 -2.48
N ILE A 455 19.83 -34.24 -3.50
CA ILE A 455 20.95 -33.30 -3.57
C ILE A 455 20.50 -31.85 -3.69
N THR A 456 19.70 -31.57 -4.71
CA THR A 456 19.24 -30.21 -4.97
C THR A 456 18.51 -29.53 -3.79
N PRO A 457 17.53 -30.20 -3.16
CA PRO A 457 16.90 -29.53 -2.02
C PRO A 457 17.84 -29.36 -0.83
N ALA A 458 18.74 -30.33 -0.62
CA ALA A 458 19.72 -30.24 0.46
C ALA A 458 20.59 -28.99 0.31
N PHE A 459 21.14 -28.79 -0.88
CA PHE A 459 21.95 -27.60 -1.18
C PHE A 459 21.19 -26.32 -0.90
N LEU A 460 19.95 -26.26 -1.38
CA LEU A 460 19.09 -25.10 -1.19
C LEU A 460 18.76 -24.89 0.28
N ALA A 461 18.55 -25.98 1.01
CA ALA A 461 18.23 -25.88 2.43
C ALA A 461 19.41 -25.30 3.20
N VAL A 462 20.62 -25.76 2.86
CA VAL A 462 21.83 -25.29 3.51
C VAL A 462 22.07 -23.81 3.25
N LEU A 463 21.95 -23.42 1.99
CA LEU A 463 22.13 -22.03 1.58
C LEU A 463 21.17 -21.13 2.33
N LEU A 464 19.93 -21.58 2.45
CA LEU A 464 18.88 -20.80 3.07
C LEU A 464 19.16 -20.56 4.55
N VAL A 465 19.57 -21.62 5.24
CA VAL A 465 19.85 -21.54 6.67
C VAL A 465 21.07 -20.65 6.96
N VAL A 466 22.13 -20.85 6.19
CA VAL A 466 23.35 -20.04 6.32
C VAL A 466 23.03 -18.56 6.16
N TRP A 467 22.28 -18.23 5.12
CA TRP A 467 21.92 -16.85 4.85
C TRP A 467 20.95 -16.27 5.86
N ALA A 468 20.02 -17.09 6.34
CA ALA A 468 19.08 -16.68 7.38
C ALA A 468 19.81 -16.34 8.67
N ARG A 469 20.75 -17.20 9.04
CA ARG A 469 21.55 -16.98 10.26
C ARG A 469 22.49 -15.79 10.12
N GLU A 470 23.05 -15.63 8.91
CA GLU A 470 24.02 -14.57 8.65
C GLU A 470 23.42 -13.17 8.46
N TYR A 471 22.43 -13.05 7.58
CA TYR A 471 21.97 -11.74 7.14
C TYR A 471 20.73 -11.21 7.84
N ILE A 472 19.81 -12.09 8.19
CA ILE A 472 18.55 -11.67 8.83
C ILE A 472 18.70 -10.91 10.16
N PRO A 473 19.59 -11.37 11.06
CA PRO A 473 19.81 -10.59 12.29
C PRO A 473 20.32 -9.17 12.02
N LYS A 474 21.19 -9.02 11.01
CA LYS A 474 21.74 -7.72 10.63
C LYS A 474 20.67 -6.76 10.12
N ILE A 475 19.85 -7.23 9.17
CA ILE A 475 18.81 -6.40 8.56
C ILE A 475 17.78 -5.97 9.61
N MET A 476 17.51 -6.86 10.56
CA MET A 476 16.49 -6.61 11.59
C MET A 476 16.94 -5.65 12.70
N GLU A 477 18.23 -5.68 13.05
CA GLU A 477 18.71 -4.99 14.24
C GLU A 477 19.51 -3.71 13.99
N GLU A 478 20.12 -3.62 12.81
CA GLU A 478 21.06 -2.53 12.54
C GLU A 478 20.56 -1.49 11.53
N THR A 479 19.39 -1.72 10.96
CA THR A 479 18.84 -0.80 9.96
C THR A 479 18.04 0.37 10.55
N HIS A 480 17.90 1.42 9.75
CA HIS A 480 17.13 2.61 10.10
C HIS A 480 15.65 2.31 10.19
N TRP A 481 14.89 3.13 10.92
CA TRP A 481 13.46 2.88 11.14
C TRP A 481 12.66 2.89 9.84
N THR A 482 13.18 3.57 8.83
CA THR A 482 12.48 3.69 7.54
C THR A 482 12.38 2.36 6.79
N VAL A 483 13.09 1.33 7.24
CA VAL A 483 12.95 0.02 6.62
C VAL A 483 11.55 -0.56 6.84
N TRP A 484 10.93 -0.16 7.96
CA TRP A 484 9.60 -0.65 8.28
C TRP A 484 8.57 -0.15 7.27
N ILE A 485 8.81 1.00 6.67
CA ILE A 485 7.95 1.53 5.63
C ILE A 485 7.92 0.56 4.46
N THR A 486 9.11 0.11 4.05
CA THR A 486 9.26 -0.81 2.94
C THR A 486 8.73 -2.19 3.28
N ARG A 487 9.03 -2.67 4.49
CA ARG A 487 8.46 -3.93 4.96
C ARG A 487 6.94 -3.88 5.01
N PHE A 488 6.41 -2.78 5.53
CA PHE A 488 4.97 -2.55 5.58
C PHE A 488 4.36 -2.66 4.19
N TYR A 489 4.90 -1.89 3.25
CA TYR A 489 4.36 -1.84 1.90
C TYR A 489 4.40 -3.19 1.19
N ILE A 490 5.51 -3.89 1.27
CA ILE A 490 5.61 -5.14 0.54
C ILE A 490 4.77 -6.25 1.19
N ILE A 491 4.58 -6.18 2.50
CA ILE A 491 3.67 -7.09 3.20
C ILE A 491 2.24 -6.81 2.76
N GLY A 492 1.92 -5.52 2.60
CA GLY A 492 0.63 -5.12 2.06
C GLY A 492 0.37 -5.68 0.68
N LEU A 493 1.39 -5.66 -0.18
CA LEU A 493 1.30 -6.23 -1.51
C LEU A 493 0.99 -7.72 -1.49
N PHE A 494 1.61 -8.43 -0.55
CA PHE A 494 1.33 -9.85 -0.40
C PHE A 494 -0.11 -10.07 0.05
N LEU A 495 -0.63 -9.18 0.90
CA LEU A 495 -2.01 -9.28 1.35
C LEU A 495 -2.96 -9.09 0.17
N PHE A 496 -2.67 -8.07 -0.64
CA PHE A 496 -3.43 -7.74 -1.83
C PHE A 496 -3.46 -8.87 -2.86
N LEU A 497 -2.31 -9.49 -3.10
CA LEU A 497 -2.22 -10.59 -4.06
C LEU A 497 -2.98 -11.81 -3.53
N THR A 498 -2.89 -12.06 -2.23
CA THR A 498 -3.65 -13.13 -1.60
C THR A 498 -5.15 -12.91 -1.82
N PHE A 499 -5.58 -11.67 -1.70
CA PHE A 499 -6.98 -11.30 -1.93
C PHE A 499 -7.40 -11.56 -3.38
N LEU A 500 -6.53 -11.19 -4.32
CA LEU A 500 -6.80 -11.47 -5.73
C LEU A 500 -6.89 -12.97 -5.99
N VAL A 501 -6.04 -13.76 -5.34
CA VAL A 501 -6.13 -15.21 -5.45
C VAL A 501 -7.47 -15.68 -4.84
N PHE A 502 -7.87 -15.06 -3.73
CA PHE A 502 -9.16 -15.35 -3.09
C PHE A 502 -10.33 -15.03 -4.03
N LEU A 503 -10.26 -13.89 -4.72
CA LEU A 503 -11.27 -13.50 -5.68
C LEU A 503 -11.28 -14.44 -6.89
N ALA A 504 -10.12 -14.95 -7.25
CA ALA A 504 -10.00 -15.85 -8.40
C ALA A 504 -10.75 -17.17 -8.19
N GLU A 505 -10.60 -17.77 -7.01
CA GLU A 505 -11.28 -19.02 -6.71
C GLU A 505 -12.78 -18.82 -6.51
N ARG A 506 -13.18 -17.63 -6.07
CA ARG A 506 -14.59 -17.32 -5.88
C ARG A 506 -15.31 -17.16 -7.22
N ARG A 507 -14.63 -16.53 -8.18
CA ARG A 507 -15.19 -16.36 -9.53
C ARG A 507 -15.36 -17.72 -10.20
N ARG A 508 -14.41 -18.61 -9.95
CA ARG A 508 -14.42 -19.95 -10.52
C ARG A 508 -15.59 -20.77 -9.95
N ASN A 509 -15.90 -20.56 -8.68
CA ASN A 509 -17.05 -21.22 -8.04
C ASN A 509 -18.38 -20.78 -8.64
N HIS A 510 -18.45 -19.52 -9.08
CA HIS A 510 -19.64 -18.99 -9.71
C HIS A 510 -19.84 -19.60 -11.11
N GLU A 511 -18.80 -19.55 -11.93
CA GLU A 511 -18.85 -20.13 -13.27
C GLU A 511 -18.57 -21.63 -13.24
N ARG B 5 -31.84 -8.95 -0.67
CA ARG B 5 -31.06 -7.94 0.03
C ARG B 5 -31.49 -7.82 1.48
N GLU B 6 -30.51 -7.61 2.37
CA GLU B 6 -30.78 -7.36 3.78
C GLU B 6 -31.60 -6.10 3.96
N HIS B 7 -32.35 -6.03 5.06
CA HIS B 7 -33.17 -4.87 5.35
C HIS B 7 -33.17 -4.55 6.83
N TRP B 8 -33.42 -3.30 7.18
CA TRP B 8 -33.67 -2.95 8.57
C TRP B 8 -34.98 -3.64 8.97
N ALA B 9 -34.99 -4.22 10.16
CA ALA B 9 -36.16 -4.95 10.62
C ALA B 9 -37.29 -4.00 10.98
N THR B 10 -36.98 -2.97 11.76
CA THR B 10 -38.01 -2.06 12.26
C THR B 10 -37.67 -0.59 11.99
N ARG B 11 -38.69 0.25 11.93
CA ARG B 11 -38.52 1.69 11.74
C ARG B 11 -37.68 2.31 12.85
N LEU B 12 -37.92 1.87 14.08
CA LEU B 12 -37.16 2.37 15.22
C LEU B 12 -35.67 2.03 15.08
N GLY B 13 -35.40 0.80 14.67
CA GLY B 13 -34.04 0.33 14.50
C GLY B 13 -33.26 1.13 13.47
N LEU B 14 -33.92 1.43 12.35
CA LEU B 14 -33.32 2.24 11.30
C LEU B 14 -32.92 3.62 11.83
N ILE B 15 -33.85 4.27 12.53
CA ILE B 15 -33.63 5.61 13.06
C ILE B 15 -32.52 5.63 14.10
N LEU B 16 -32.47 4.62 14.96
CA LEU B 16 -31.44 4.53 15.99
C LEU B 16 -30.06 4.18 15.40
N ALA B 17 -30.03 3.38 14.33
CA ALA B 17 -28.77 3.06 13.69
C ALA B 17 -28.19 4.29 13.01
N MET B 18 -29.05 5.04 12.33
CA MET B 18 -28.66 6.26 11.65
C MET B 18 -28.19 7.34 12.64
N ALA B 19 -28.95 7.51 13.71
CA ALA B 19 -28.59 8.47 14.75
C ALA B 19 -27.30 8.06 15.44
N GLY B 20 -27.14 6.76 15.63
CA GLY B 20 -25.93 6.19 16.18
C GLY B 20 -24.72 6.48 15.30
N TYR B 21 -24.94 6.44 13.98
CA TYR B 21 -23.88 6.83 13.06
C TYR B 21 -23.50 8.27 13.35
N ALA B 22 -24.48 9.18 13.32
CA ALA B 22 -24.22 10.61 13.49
C ALA B 22 -23.67 11.00 14.87
N VAL B 23 -24.23 10.44 15.93
CA VAL B 23 -23.78 10.80 17.27
C VAL B 23 -22.43 10.17 17.61
N ASP B 24 -21.38 10.98 17.68
CA ASP B 24 -20.04 10.47 17.95
C ASP B 24 -19.31 11.37 18.94
N LEU B 25 -17.99 11.22 19.04
CA LEU B 25 -17.19 12.02 19.97
C LEU B 25 -17.34 13.51 19.71
N GLY B 26 -17.56 13.86 18.43
CA GLY B 26 -17.74 15.25 18.03
C GLY B 26 -18.88 15.94 18.74
N ASN B 27 -19.97 15.21 18.96
CA ASN B 27 -21.14 15.74 19.65
C ASN B 27 -20.83 16.25 21.05
N PHE B 28 -19.95 15.56 21.76
CA PHE B 28 -19.70 15.86 23.17
C PHE B 28 -18.46 16.73 23.39
N LEU B 29 -17.66 16.90 22.35
CA LEU B 29 -16.40 17.61 22.47
C LEU B 29 -16.22 18.70 21.43
N ARG B 30 -16.43 18.37 20.17
CA ARG B 30 -16.18 19.31 19.08
C ARG B 30 -17.18 20.46 19.08
N PHE B 31 -18.47 20.12 19.05
CA PHE B 31 -19.54 21.13 19.06
C PHE B 31 -19.49 22.15 20.21
N PRO B 32 -19.25 21.69 21.45
CA PRO B 32 -19.19 22.69 22.53
C PRO B 32 -18.06 23.68 22.33
N VAL B 33 -16.92 23.20 21.85
CA VAL B 33 -15.76 24.06 21.61
C VAL B 33 -16.04 25.03 20.45
N GLN B 34 -16.69 24.54 19.40
CA GLN B 34 -17.02 25.38 18.26
C GLN B 34 -17.99 26.48 18.66
N ALA B 35 -18.96 26.14 19.51
CA ALA B 35 -19.97 27.09 19.95
C ALA B 35 -19.37 28.20 20.81
N ALA B 36 -18.48 27.83 21.73
CA ALA B 36 -17.86 28.79 22.64
C ALA B 36 -16.95 29.76 21.91
N GLU B 37 -16.28 29.29 20.86
CA GLU B 37 -15.33 30.10 20.10
C GLU B 37 -16.01 30.98 19.05
N ASN B 38 -17.27 30.69 18.77
CA ASN B 38 -17.97 31.36 17.67
C ASN B 38 -19.30 32.00 18.02
N GLY B 39 -19.38 32.66 19.17
CA GLY B 39 -20.54 33.47 19.49
C GLY B 39 -21.46 32.95 20.57
N GLY B 40 -21.06 31.86 21.21
CA GLY B 40 -21.85 31.27 22.29
C GLY B 40 -23.26 30.93 21.85
N GLY B 41 -24.23 31.56 22.50
CA GLY B 41 -25.62 31.37 22.15
C GLY B 41 -25.96 31.88 20.76
N ALA B 42 -25.24 32.90 20.32
CA ALA B 42 -25.47 33.49 19.01
C ALA B 42 -25.10 32.50 17.91
N PHE B 43 -24.22 31.56 18.24
CA PHE B 43 -23.77 30.55 17.29
C PHE B 43 -24.93 29.71 16.78
N MET B 44 -26.04 29.69 17.53
CA MET B 44 -27.20 28.90 17.13
C MET B 44 -27.93 29.48 15.93
N ILE B 45 -27.70 30.76 15.65
CA ILE B 45 -28.35 31.37 14.50
C ILE B 45 -27.82 30.80 13.18
N PRO B 46 -26.49 30.85 12.94
CA PRO B 46 -26.06 30.22 11.70
C PRO B 46 -26.14 28.70 11.76
N TYR B 47 -26.10 28.14 12.97
CA TYR B 47 -26.15 26.71 13.17
C TYR B 47 -27.49 26.10 12.74
N ILE B 48 -28.58 26.73 13.14
CA ILE B 48 -29.92 26.30 12.73
C ILE B 48 -30.13 26.52 11.24
N ILE B 49 -29.65 27.66 10.75
CA ILE B 49 -29.73 27.99 9.33
C ILE B 49 -28.98 26.97 8.49
N ALA B 50 -27.78 26.60 8.93
CA ALA B 50 -26.98 25.58 8.25
C ALA B 50 -27.71 24.24 8.24
N PHE B 51 -28.35 23.92 9.36
CA PHE B 51 -29.13 22.69 9.48
C PHE B 51 -30.30 22.69 8.50
N LEU B 52 -30.95 23.83 8.36
CA LEU B 52 -32.10 23.98 7.46
C LEU B 52 -31.71 24.05 5.99
N LEU B 53 -30.57 24.67 5.70
CA LEU B 53 -30.18 24.91 4.32
C LEU B 53 -29.17 23.89 3.77
N VAL B 54 -28.45 23.22 4.66
CA VAL B 54 -27.42 22.30 4.21
C VAL B 54 -27.61 20.88 4.75
N GLY B 55 -27.66 20.75 6.07
CA GLY B 55 -27.70 19.45 6.71
C GLY B 55 -28.90 18.60 6.32
N ILE B 56 -30.10 19.11 6.59
CA ILE B 56 -31.33 18.41 6.22
C ILE B 56 -31.47 18.11 4.72
N PRO B 57 -31.27 19.10 3.83
CA PRO B 57 -31.41 18.83 2.40
C PRO B 57 -30.50 17.71 1.89
N LEU B 58 -29.21 17.80 2.21
CA LEU B 58 -28.24 16.85 1.70
C LEU B 58 -28.49 15.46 2.26
N MET B 59 -28.85 15.43 3.54
CA MET B 59 -29.14 14.17 4.20
C MET B 59 -30.30 13.42 3.53
N TRP B 60 -31.37 14.13 3.18
CA TRP B 60 -32.49 13.52 2.47
C TRP B 60 -32.01 12.93 1.15
N ILE B 61 -31.16 13.70 0.47
CA ILE B 61 -30.61 13.29 -0.82
C ILE B 61 -29.79 12.01 -0.69
N GLU B 62 -28.99 11.92 0.37
CA GLU B 62 -28.21 10.71 0.60
C GLU B 62 -29.08 9.49 0.90
N TRP B 63 -30.15 9.71 1.68
CA TRP B 63 -31.14 8.66 1.94
C TRP B 63 -31.77 8.20 0.64
N ALA B 64 -32.15 9.16 -0.21
CA ALA B 64 -32.80 8.85 -1.46
C ALA B 64 -31.90 8.08 -2.40
N MET B 65 -30.66 8.54 -2.53
CA MET B 65 -29.68 7.88 -3.39
C MET B 65 -29.44 6.45 -2.94
N GLY B 66 -29.34 6.24 -1.63
CA GLY B 66 -29.13 4.92 -1.07
C GLY B 66 -30.28 3.97 -1.34
N ARG B 67 -31.51 4.42 -1.03
CA ARG B 67 -32.69 3.62 -1.25
C ARG B 67 -32.90 3.32 -2.74
N TYR B 68 -32.62 4.32 -3.56
CA TYR B 68 -32.70 4.17 -5.02
C TYR B 68 -31.78 3.06 -5.48
N GLY B 69 -30.55 3.08 -4.97
CA GLY B 69 -29.55 2.09 -5.30
C GLY B 69 -29.84 0.72 -4.73
N GLY B 70 -30.25 0.68 -3.46
CA GLY B 70 -30.54 -0.58 -2.79
C GLY B 70 -31.60 -1.42 -3.48
N ALA B 71 -32.59 -0.75 -4.06
CA ALA B 71 -33.68 -1.42 -4.77
C ALA B 71 -33.17 -2.18 -6.00
N GLN B 72 -32.01 -1.79 -6.49
CA GLN B 72 -31.42 -2.46 -7.64
C GLN B 72 -30.22 -3.32 -7.24
N GLY B 73 -30.06 -3.50 -5.93
CA GLY B 73 -29.02 -4.37 -5.40
C GLY B 73 -27.65 -3.73 -5.23
N HIS B 74 -27.61 -2.40 -5.19
CA HIS B 74 -26.35 -1.66 -5.09
C HIS B 74 -26.33 -0.64 -3.98
N GLY B 75 -25.49 -0.87 -2.97
CA GLY B 75 -25.44 0.03 -1.82
C GLY B 75 -24.33 1.05 -1.80
N THR B 76 -23.41 1.01 -2.76
CA THR B 76 -22.28 1.96 -2.74
C THR B 76 -22.23 2.83 -3.98
N THR B 77 -21.53 3.95 -3.85
CA THR B 77 -21.52 5.00 -4.87
C THR B 77 -20.87 4.70 -6.23
N PRO B 78 -19.90 3.78 -6.32
CA PRO B 78 -19.45 3.51 -7.69
C PRO B 78 -20.58 2.99 -8.58
N ALA B 79 -21.37 2.05 -8.06
CA ALA B 79 -22.51 1.53 -8.80
C ALA B 79 -23.69 2.51 -8.82
N ILE B 80 -23.93 3.19 -7.71
CA ILE B 80 -25.07 4.11 -7.63
C ILE B 80 -24.90 5.33 -8.53
N PHE B 81 -23.72 5.96 -8.50
CA PHE B 81 -23.45 7.11 -9.37
C PHE B 81 -23.64 6.73 -10.84
N TYR B 82 -23.27 5.49 -11.17
CA TYR B 82 -23.37 4.99 -12.53
C TYR B 82 -24.83 4.83 -12.94
N LEU B 83 -25.66 4.47 -11.97
CA LEU B 83 -27.10 4.36 -12.18
C LEU B 83 -27.74 5.73 -12.38
N LEU B 84 -27.18 6.74 -11.72
CA LEU B 84 -27.69 8.10 -11.83
C LEU B 84 -27.11 8.81 -13.04
N TRP B 85 -25.98 8.29 -13.52
CA TRP B 85 -25.23 8.93 -14.59
C TRP B 85 -24.38 7.89 -15.31
N ARG B 86 -24.88 7.36 -16.42
CA ARG B 86 -24.19 6.30 -17.14
C ARG B 86 -22.96 6.82 -17.87
N ASN B 87 -21.89 6.98 -17.11
CA ASN B 87 -20.64 7.50 -17.62
C ASN B 87 -19.51 6.87 -16.83
N ARG B 88 -18.37 6.63 -17.49
CA ARG B 88 -17.22 6.03 -16.83
C ARG B 88 -16.75 6.90 -15.67
N PHE B 89 -16.85 8.21 -15.83
CA PHE B 89 -16.39 9.16 -14.83
C PHE B 89 -17.23 9.08 -13.55
N ALA B 90 -18.44 8.55 -13.65
CA ALA B 90 -19.30 8.41 -12.48
C ALA B 90 -18.79 7.32 -11.54
N LYS B 91 -18.32 6.23 -12.13
CA LYS B 91 -17.77 5.13 -11.36
C LYS B 91 -16.52 5.56 -10.60
N ILE B 92 -15.66 6.33 -11.27
CA ILE B 92 -14.43 6.82 -10.65
C ILE B 92 -14.69 7.79 -9.49
N LEU B 93 -15.64 8.70 -9.67
CA LEU B 93 -16.08 9.59 -8.61
C LEU B 93 -16.72 8.81 -7.47
N GLY B 94 -17.41 7.73 -7.83
CA GLY B 94 -18.08 6.89 -6.85
C GLY B 94 -17.10 6.17 -5.93
N VAL B 95 -15.89 5.95 -6.41
CA VAL B 95 -14.85 5.30 -5.62
C VAL B 95 -14.57 6.08 -4.33
N PHE B 96 -14.77 7.39 -4.38
CA PHE B 96 -14.56 8.27 -3.23
C PHE B 96 -15.51 7.91 -2.08
N GLY B 97 -16.71 7.44 -2.42
CA GLY B 97 -17.69 7.04 -1.41
C GLY B 97 -17.32 5.70 -0.82
N LEU B 98 -16.25 5.12 -1.34
CA LEU B 98 -15.74 3.89 -0.80
C LEU B 98 -14.40 4.22 -0.12
N TRP B 99 -13.64 5.13 -0.74
CA TRP B 99 -12.31 5.48 -0.24
C TRP B 99 -12.35 6.31 1.03
N ILE B 100 -13.23 7.31 1.06
CA ILE B 100 -13.39 8.16 2.24
C ILE B 100 -13.69 7.39 3.54
N PRO B 101 -14.76 6.56 3.55
CA PRO B 101 -15.05 5.89 4.83
C PRO B 101 -14.00 4.84 5.21
N LEU B 102 -13.32 4.27 4.22
CA LEU B 102 -12.25 3.31 4.45
C LEU B 102 -11.03 3.98 5.09
N VAL B 103 -10.58 5.10 4.51
CA VAL B 103 -9.44 5.84 5.06
C VAL B 103 -9.72 6.34 6.47
N VAL B 104 -10.93 6.83 6.70
CA VAL B 104 -11.30 7.32 8.01
C VAL B 104 -11.30 6.17 9.04
N ALA B 105 -11.83 5.02 8.64
CA ALA B 105 -11.83 3.83 9.48
C ALA B 105 -10.41 3.47 9.91
N ILE B 106 -9.46 3.69 9.02
CA ILE B 106 -8.08 3.34 9.26
C ILE B 106 -7.48 4.09 10.47
N TYR B 107 -7.97 5.29 10.75
CA TYR B 107 -7.55 5.98 11.98
C TYR B 107 -8.63 6.03 13.07
N TYR B 108 -9.90 5.98 12.67
CA TYR B 108 -10.99 6.21 13.63
C TYR B 108 -11.18 5.10 14.65
N VAL B 109 -11.07 3.86 14.20
CA VAL B 109 -11.24 2.71 15.09
C VAL B 109 -10.13 2.72 16.15
N TYR B 110 -8.96 3.20 15.76
CA TYR B 110 -7.83 3.30 16.67
C TYR B 110 -8.09 4.38 17.72
N ILE B 111 -8.59 5.54 17.29
CA ILE B 111 -8.96 6.59 18.23
C ILE B 111 -10.05 6.08 19.17
N GLU B 112 -11.02 5.38 18.58
CA GLU B 112 -12.07 4.72 19.34
C GLU B 112 -11.51 3.75 20.37
N SER B 113 -10.43 3.04 20.01
CA SER B 113 -9.82 2.11 20.95
C SER B 113 -9.23 2.83 22.16
N TRP B 114 -8.82 4.09 21.96
CA TRP B 114 -8.28 4.87 23.08
C TRP B 114 -9.33 5.04 24.18
N THR B 115 -10.58 5.30 23.80
CA THR B 115 -11.63 5.54 24.79
C THR B 115 -11.95 4.26 25.57
N LEU B 116 -11.91 3.13 24.90
CA LEU B 116 -12.11 1.85 25.58
C LEU B 116 -10.97 1.58 26.57
N GLY B 117 -9.74 1.87 26.14
CA GLY B 117 -8.58 1.69 26.97
C GLY B 117 -8.55 2.59 28.20
N PHE B 118 -8.92 3.85 28.00
CA PHE B 118 -8.99 4.80 29.09
C PHE B 118 -10.11 4.46 30.09
N ALA B 119 -11.20 3.91 29.58
CA ALA B 119 -12.32 3.48 30.42
C ALA B 119 -11.90 2.34 31.34
N ILE B 120 -11.18 1.38 30.78
CA ILE B 120 -10.65 0.24 31.52
C ILE B 120 -9.68 0.69 32.62
N LYS B 121 -8.72 1.52 32.24
CA LYS B 121 -7.73 2.03 33.18
C LYS B 121 -8.39 2.82 34.31
N PHE B 122 -9.43 3.58 33.97
CA PHE B 122 -10.17 4.32 34.97
C PHE B 122 -10.94 3.39 35.90
N LEU B 123 -11.64 2.42 35.31
CA LEU B 123 -12.43 1.47 36.10
C LEU B 123 -11.59 0.71 37.13
N VAL B 124 -10.43 0.23 36.70
CA VAL B 124 -9.56 -0.54 37.59
C VAL B 124 -8.58 0.35 38.34
N GLY B 125 -8.64 1.65 38.07
CA GLY B 125 -7.85 2.61 38.80
C GLY B 125 -6.39 2.77 38.40
N LEU B 126 -6.04 2.32 37.20
CA LEU B 126 -4.68 2.48 36.69
C LEU B 126 -4.49 3.84 36.02
N VAL B 127 -4.88 4.91 36.71
CA VAL B 127 -4.76 6.26 36.21
C VAL B 127 -3.97 7.09 37.21
N PRO B 128 -3.35 8.20 36.75
CA PRO B 128 -2.55 9.04 37.65
C PRO B 128 -3.39 9.67 38.76
N GLU B 129 -2.73 10.05 39.84
CA GLU B 129 -3.42 10.67 40.95
C GLU B 129 -2.61 11.84 41.51
N PRO B 130 -2.75 13.02 40.89
CA PRO B 130 -2.05 14.21 41.39
C PRO B 130 -2.68 14.69 42.70
N PRO B 131 -2.03 15.59 43.46
CA PRO B 131 -0.73 16.27 43.32
C PRO B 131 0.45 15.36 43.02
N THR B 135 -3.50 21.92 43.95
CA THR B 135 -2.46 22.92 43.86
C THR B 135 -2.71 23.86 42.68
N ASP B 136 -1.87 23.75 41.65
CA ASP B 136 -1.98 24.58 40.45
C ASP B 136 -2.43 23.73 39.27
N PRO B 137 -3.13 24.35 38.30
CA PRO B 137 -3.68 23.62 37.14
C PRO B 137 -2.67 22.73 36.45
N ASP B 138 -1.47 23.25 36.19
CA ASP B 138 -0.44 22.48 35.50
C ASP B 138 0.02 21.27 36.30
N SER B 139 -0.10 21.36 37.63
CA SER B 139 0.27 20.25 38.51
C SER B 139 -0.71 19.08 38.41
N ILE B 140 -1.92 19.39 37.96
CA ILE B 140 -2.96 18.38 37.78
C ILE B 140 -3.04 17.89 36.34
N LEU B 141 -2.89 18.81 35.39
CA LEU B 141 -3.01 18.49 33.98
C LEU B 141 -1.84 17.66 33.45
N ARG B 142 -0.62 18.03 33.83
CA ARG B 142 0.58 17.38 33.31
C ARG B 142 0.66 15.85 33.48
N PRO B 143 0.30 15.33 34.68
CA PRO B 143 0.32 13.86 34.85
C PRO B 143 -0.63 13.13 33.91
N PHE B 144 -1.71 13.80 33.50
CA PHE B 144 -2.66 13.21 32.56
C PHE B 144 -2.23 13.44 31.12
N LYS B 145 -1.57 14.56 30.87
CA LYS B 145 -0.98 14.82 29.56
C LYS B 145 0.07 13.75 29.30
N GLU B 146 0.83 13.40 30.33
CA GLU B 146 1.84 12.36 30.22
C GLU B 146 1.22 10.97 30.09
N PHE B 147 0.13 10.75 30.81
CA PHE B 147 -0.59 9.50 30.74
C PHE B 147 -1.07 9.18 29.32
N LEU B 148 -1.67 10.18 28.68
CA LEU B 148 -2.14 10.07 27.31
C LEU B 148 -0.99 9.85 26.33
N TYR B 149 0.09 10.61 26.51
CA TYR B 149 1.23 10.53 25.61
C TYR B 149 1.93 9.16 25.71
N SER B 150 1.92 8.58 26.89
CA SER B 150 2.53 7.27 27.09
C SER B 150 1.67 6.17 26.49
N TYR B 151 0.37 6.41 26.43
CA TYR B 151 -0.57 5.47 25.84
C TYR B 151 -0.40 5.46 24.32
N ILE B 152 -0.43 6.66 23.74
CA ILE B 152 -0.32 6.83 22.29
C ILE B 152 1.11 6.60 21.83
N GLY B 153 2.07 6.97 22.68
CA GLY B 153 3.48 6.91 22.33
C GLY B 153 3.92 8.15 21.55
N VAL B 154 3.44 9.31 21.99
CA VAL B 154 3.81 10.59 21.40
C VAL B 154 5.32 10.79 21.40
N PRO B 155 5.88 11.17 20.24
CA PRO B 155 7.34 11.30 20.09
C PRO B 155 7.95 12.21 21.14
N LYS B 156 9.01 11.70 21.76
CA LYS B 156 9.75 12.47 22.76
C LYS B 156 11.03 13.04 22.17
N GLY B 157 11.42 12.53 21.01
CA GLY B 157 12.60 13.00 20.30
C GLY B 157 12.26 13.73 19.02
N ASP B 158 13.21 13.74 18.09
CA ASP B 158 13.02 14.43 16.81
C ASP B 158 12.44 13.51 15.74
N GLU B 159 12.42 12.21 16.02
CA GLU B 159 11.88 11.22 15.09
C GLU B 159 10.36 11.29 15.02
N PRO B 160 9.78 11.09 13.83
CA PRO B 160 8.32 11.10 13.69
C PRO B 160 7.73 9.74 14.01
N ILE B 161 8.32 9.03 14.95
CA ILE B 161 7.91 7.67 15.28
C ILE B 161 7.09 7.63 16.56
N LEU B 162 5.94 6.98 16.49
CA LEU B 162 5.09 6.76 17.64
C LEU B 162 5.46 5.41 18.25
N LYS B 163 5.35 5.28 19.56
CA LYS B 163 5.56 3.99 20.19
C LYS B 163 4.42 3.69 21.15
N PRO B 164 3.31 3.18 20.61
CA PRO B 164 2.12 2.83 21.40
C PRO B 164 2.48 1.80 22.44
N SER B 165 1.89 1.90 23.62
CA SER B 165 2.11 0.90 24.66
C SER B 165 1.53 -0.44 24.20
N LEU B 166 1.95 -1.52 24.85
CA LEU B 166 1.40 -2.82 24.55
C LEU B 166 -0.09 -2.85 24.89
N PHE B 167 -0.47 -2.15 25.96
CA PHE B 167 -1.87 -2.05 26.36
C PHE B 167 -2.70 -1.39 25.27
N ALA B 168 -2.22 -0.27 24.75
CA ALA B 168 -2.91 0.45 23.68
C ALA B 168 -3.10 -0.41 22.43
N TYR B 169 -2.09 -1.21 22.11
CA TYR B 169 -2.14 -2.07 20.93
C TYR B 169 -3.15 -3.19 21.11
N ILE B 170 -3.14 -3.81 22.28
CA ILE B 170 -4.07 -4.90 22.59
C ILE B 170 -5.53 -4.45 22.62
N VAL B 171 -5.78 -3.28 23.19
CA VAL B 171 -7.12 -2.72 23.22
C VAL B 171 -7.61 -2.46 21.80
N PHE B 172 -6.69 -2.06 20.92
CA PHE B 172 -7.02 -1.86 19.52
C PHE B 172 -7.51 -3.15 18.86
N LEU B 173 -6.81 -4.24 19.14
CA LEU B 173 -7.21 -5.56 18.68
C LEU B 173 -8.60 -5.92 19.20
N ILE B 174 -8.80 -5.69 20.50
CA ILE B 174 -10.09 -5.94 21.13
C ILE B 174 -11.17 -5.08 20.49
N THR B 175 -10.84 -3.82 20.24
CA THR B 175 -11.77 -2.89 19.61
C THR B 175 -12.15 -3.33 18.21
N MET B 176 -11.15 -3.80 17.44
CA MET B 176 -11.41 -4.37 16.11
C MET B 176 -12.30 -5.60 16.22
N PHE B 177 -12.01 -6.44 17.20
CA PHE B 177 -12.82 -7.64 17.43
C PHE B 177 -14.29 -7.31 17.71
N ILE B 178 -14.53 -6.31 18.55
CA ILE B 178 -15.89 -5.90 18.89
C ILE B 178 -16.63 -5.40 17.66
N ASN B 179 -15.95 -4.56 16.86
CA ASN B 179 -16.51 -4.08 15.60
C ASN B 179 -16.90 -5.23 14.67
N VAL B 180 -16.00 -6.18 14.51
CA VAL B 180 -16.24 -7.35 13.65
C VAL B 180 -17.41 -8.20 14.18
N SER B 181 -17.45 -8.40 15.50
CA SER B 181 -18.54 -9.14 16.15
C SER B 181 -19.91 -8.61 15.76
N ILE B 182 -20.03 -7.28 15.72
CA ILE B 182 -21.29 -6.66 15.34
C ILE B 182 -21.54 -6.78 13.83
N LEU B 183 -20.56 -6.36 13.03
CA LEU B 183 -20.72 -6.28 11.57
C LEU B 183 -20.97 -7.63 10.92
N ILE B 184 -20.36 -8.68 11.46
CA ILE B 184 -20.48 -10.01 10.86
C ILE B 184 -21.88 -10.60 11.06
N ARG B 185 -22.65 -10.03 11.97
CA ARG B 185 -24.01 -10.49 12.21
C ARG B 185 -24.98 -9.79 11.25
N GLY B 186 -24.48 -8.78 10.55
CA GLY B 186 -25.27 -8.12 9.53
C GLY B 186 -26.01 -6.86 9.96
N ILE B 187 -26.90 -6.41 9.09
CA ILE B 187 -27.63 -5.16 9.28
C ILE B 187 -28.66 -5.24 10.42
N SER B 188 -29.58 -6.18 10.35
CA SER B 188 -30.66 -6.23 11.34
C SER B 188 -30.24 -6.88 12.67
N LYS B 189 -29.59 -8.03 12.60
CA LYS B 189 -29.23 -8.77 13.81
C LYS B 189 -27.91 -8.29 14.42
N GLY B 190 -27.19 -7.45 13.69
CA GLY B 190 -25.93 -6.91 14.18
C GLY B 190 -26.00 -5.42 14.45
N ILE B 191 -25.98 -4.64 13.37
CA ILE B 191 -25.99 -3.18 13.48
C ILE B 191 -27.28 -2.66 14.10
N GLU B 192 -28.43 -3.15 13.61
CA GLU B 192 -29.71 -2.69 14.15
C GLU B 192 -29.92 -3.11 15.60
N ARG B 193 -29.61 -4.37 15.89
CA ARG B 193 -29.74 -4.90 17.23
C ARG B 193 -28.87 -4.12 18.23
N PHE B 194 -27.64 -3.82 17.84
CA PHE B 194 -26.71 -3.09 18.71
C PHE B 194 -27.15 -1.64 18.92
N ALA B 195 -27.79 -1.05 17.91
CA ALA B 195 -28.31 0.32 18.01
C ALA B 195 -29.35 0.44 19.12
N LYS B 196 -30.23 -0.55 19.20
CA LYS B 196 -31.32 -0.54 20.16
C LYS B 196 -30.83 -0.69 21.60
N ILE B 197 -29.59 -1.16 21.75
CA ILE B 197 -28.96 -1.27 23.06
C ILE B 197 -28.06 -0.06 23.35
N ALA B 198 -27.29 0.35 22.35
CA ALA B 198 -26.27 1.39 22.53
C ALA B 198 -26.83 2.81 22.66
N MET B 199 -27.86 3.12 21.88
CA MET B 199 -28.46 4.45 21.94
C MET B 199 -29.15 4.73 23.30
N PRO B 200 -29.95 3.78 23.81
CA PRO B 200 -30.46 4.02 25.17
C PRO B 200 -29.33 4.07 26.18
N THR B 201 -28.34 3.19 26.03
CA THR B 201 -27.19 3.19 26.93
C THR B 201 -26.46 4.53 26.87
N LEU B 202 -26.31 5.06 25.66
CA LEU B 202 -25.66 6.35 25.44
C LEU B 202 -26.44 7.45 26.17
N PHE B 203 -27.76 7.42 26.00
CA PHE B 203 -28.65 8.41 26.60
C PHE B 203 -28.58 8.39 28.13
N ILE B 204 -28.60 7.20 28.72
CA ILE B 204 -28.53 7.08 30.18
C ILE B 204 -27.20 7.58 30.73
N LEU B 205 -26.10 7.22 30.07
CA LEU B 205 -24.76 7.66 30.47
C LEU B 205 -24.63 9.18 30.45
N ALA B 206 -25.13 9.79 29.38
CA ALA B 206 -25.03 11.24 29.20
C ALA B 206 -25.87 11.98 30.24
N VAL B 207 -27.11 11.52 30.43
CA VAL B 207 -28.03 12.14 31.38
C VAL B 207 -27.46 12.09 32.79
N PHE B 208 -26.89 10.96 33.17
CA PHE B 208 -26.22 10.82 34.45
C PHE B 208 -25.07 11.83 34.58
N LEU B 209 -24.26 11.93 33.54
CA LEU B 209 -23.12 12.85 33.55
C LEU B 209 -23.57 14.31 33.64
N VAL B 210 -24.63 14.65 32.90
CA VAL B 210 -25.18 16.00 32.92
C VAL B 210 -25.62 16.39 34.34
N ILE B 211 -26.37 15.48 34.99
CA ILE B 211 -26.83 15.67 36.37
C ILE B 211 -25.65 15.79 37.32
N ARG B 212 -24.71 14.87 37.21
CA ARG B 212 -23.58 14.86 38.11
C ARG B 212 -22.70 16.10 37.92
N VAL B 213 -22.56 16.55 36.68
CA VAL B 213 -21.81 17.78 36.38
C VAL B 213 -22.48 19.03 36.95
N PHE B 214 -23.81 19.09 36.89
CA PHE B 214 -24.53 20.26 37.37
C PHE B 214 -24.40 20.41 38.88
N LEU B 215 -23.99 19.34 39.55
CA LEU B 215 -23.81 19.36 41.00
C LEU B 215 -22.38 19.71 41.37
N LEU B 216 -21.51 19.76 40.36
CA LEU B 216 -20.10 20.10 40.60
C LEU B 216 -19.93 21.52 41.13
N GLU B 217 -19.25 21.63 42.27
CA GLU B 217 -18.94 22.92 42.84
C GLU B 217 -17.50 22.97 43.33
N THR B 218 -16.76 23.97 42.86
CA THR B 218 -15.37 24.15 43.26
C THR B 218 -15.20 25.58 43.75
N PRO B 219 -14.08 25.88 44.43
CA PRO B 219 -13.81 27.27 44.80
C PRO B 219 -13.72 28.20 43.59
N ASN B 220 -13.43 27.64 42.42
CA ASN B 220 -13.24 28.43 41.21
C ASN B 220 -14.52 28.72 40.43
N GLY B 221 -15.57 27.96 40.72
CA GLY B 221 -16.85 28.18 40.07
C GLY B 221 -17.81 27.01 40.15
N THR B 222 -18.89 27.10 39.40
CA THR B 222 -19.91 26.07 39.36
C THR B 222 -20.24 25.69 37.91
N ALA B 223 -21.06 24.65 37.75
CA ALA B 223 -21.52 24.24 36.43
C ALA B 223 -22.38 25.33 35.80
N ALA B 224 -23.09 26.06 36.66
CA ALA B 224 -23.90 27.21 36.23
C ALA B 224 -23.05 28.23 35.47
N ASP B 225 -21.85 28.50 35.98
CA ASP B 225 -20.91 29.38 35.31
C ASP B 225 -20.54 28.84 33.94
N GLY B 226 -20.40 27.53 33.85
CA GLY B 226 -20.04 26.88 32.61
C GLY B 226 -21.12 27.02 31.56
N LEU B 227 -22.35 26.71 31.95
CA LEU B 227 -23.49 26.88 31.06
C LEU B 227 -23.65 28.33 30.66
N ASN B 228 -23.38 29.23 31.60
CA ASN B 228 -23.39 30.66 31.32
C ASN B 228 -22.43 31.08 30.20
N PHE B 229 -21.14 30.87 30.43
CA PHE B 229 -20.09 31.23 29.48
C PHE B 229 -20.37 30.70 28.08
N LEU B 230 -20.83 29.45 28.01
CA LEU B 230 -21.07 28.79 26.73
C LEU B 230 -22.28 29.37 25.99
N TRP B 231 -23.30 29.77 26.74
CA TRP B 231 -24.57 30.15 26.12
C TRP B 231 -24.85 31.66 26.03
N THR B 232 -24.04 32.47 26.72
CA THR B 232 -24.14 33.92 26.55
C THR B 232 -23.79 34.30 25.12
N PRO B 233 -24.75 34.90 24.40
CA PRO B 233 -24.58 35.27 22.98
C PRO B 233 -23.57 36.39 22.77
N ASP B 234 -22.79 36.28 21.71
CA ASP B 234 -21.90 37.35 21.28
C ASP B 234 -22.21 37.65 19.83
N PHE B 235 -23.23 38.47 19.60
CA PHE B 235 -23.73 38.74 18.25
C PHE B 235 -22.74 39.48 17.36
N GLU B 236 -21.67 40.02 17.95
CA GLU B 236 -20.67 40.73 17.17
C GLU B 236 -19.86 39.75 16.32
N LYS B 237 -19.82 38.49 16.73
CA LYS B 237 -19.09 37.46 16.00
C LYS B 237 -19.84 37.00 14.75
N LEU B 238 -21.14 37.32 14.69
CA LEU B 238 -21.95 36.95 13.53
C LEU B 238 -21.55 37.70 12.27
N LYS B 239 -20.82 38.80 12.44
CA LYS B 239 -20.27 39.54 11.31
C LYS B 239 -19.21 38.72 10.60
N ASP B 240 -18.44 37.97 11.37
CA ASP B 240 -17.36 37.14 10.85
C ASP B 240 -17.93 36.06 9.96
N PRO B 241 -17.53 36.03 8.68
CA PRO B 241 -17.95 34.97 7.76
C PRO B 241 -17.46 33.61 8.22
N GLY B 242 -16.32 33.58 8.91
CA GLY B 242 -15.73 32.33 9.36
C GLY B 242 -16.58 31.65 10.42
N VAL B 243 -17.46 32.42 11.05
CA VAL B 243 -18.39 31.88 12.02
C VAL B 243 -19.50 31.16 11.26
N TRP B 244 -19.89 31.72 10.13
CA TRP B 244 -20.88 31.09 9.27
C TRP B 244 -20.25 29.91 8.54
N ILE B 245 -18.97 30.02 8.23
CA ILE B 245 -18.22 28.90 7.67
C ILE B 245 -18.18 27.78 8.72
N ALA B 246 -17.88 28.16 9.96
CA ALA B 246 -17.81 27.19 11.06
C ALA B 246 -19.14 26.46 11.30
N ALA B 247 -20.25 27.20 11.20
CA ALA B 247 -21.56 26.62 11.43
C ALA B 247 -21.89 25.61 10.34
N VAL B 248 -21.65 25.97 9.08
CA VAL B 248 -21.91 25.08 7.97
C VAL B 248 -21.05 23.83 8.09
N GLY B 249 -19.80 24.02 8.50
CA GLY B 249 -18.87 22.93 8.70
C GLY B 249 -19.27 22.00 9.82
N GLN B 250 -19.65 22.58 10.96
CA GLN B 250 -20.05 21.78 12.12
C GLN B 250 -21.27 20.91 11.82
N ILE B 251 -22.27 21.49 11.18
CA ILE B 251 -23.48 20.77 10.78
C ILE B 251 -23.16 19.64 9.80
N PHE B 252 -22.36 19.94 8.78
CA PHE B 252 -21.99 18.95 7.77
C PHE B 252 -21.29 17.75 8.39
N PHE B 253 -20.35 18.02 9.29
CA PHE B 253 -19.60 16.95 9.96
C PHE B 253 -20.41 16.20 11.00
N SER B 254 -21.21 16.93 11.78
CA SER B 254 -21.98 16.30 12.82
C SER B 254 -22.97 15.28 12.29
N LEU B 255 -23.55 15.58 11.13
CA LEU B 255 -24.51 14.68 10.51
C LEU B 255 -23.81 13.56 9.75
N GLY B 256 -22.48 13.68 9.63
CA GLY B 256 -21.68 12.70 8.92
C GLY B 256 -21.97 12.63 7.44
N LEU B 257 -22.28 13.78 6.84
CA LEU B 257 -22.55 13.85 5.41
C LEU B 257 -21.27 13.71 4.55
N GLY B 258 -21.42 13.16 3.35
CA GLY B 258 -20.32 13.01 2.42
C GLY B 258 -19.34 11.87 2.72
N PHE B 259 -19.79 10.91 3.54
CA PHE B 259 -18.95 9.77 3.96
C PHE B 259 -19.31 8.46 3.29
N GLY B 260 -20.42 8.45 2.55
CA GLY B 260 -20.88 7.24 1.92
C GLY B 260 -21.67 6.36 2.89
N ALA B 261 -21.49 6.57 4.18
CA ALA B 261 -22.14 5.72 5.19
C ALA B 261 -23.66 5.81 5.18
N ILE B 262 -24.18 7.03 5.08
CA ILE B 262 -25.63 7.25 5.06
C ILE B 262 -26.27 6.60 3.83
N ILE B 263 -25.62 6.76 2.68
CA ILE B 263 -26.12 6.16 1.44
C ILE B 263 -26.21 4.64 1.54
N THR B 264 -25.15 4.02 2.06
CA THR B 264 -25.09 2.57 2.19
C THR B 264 -26.17 2.06 3.16
N PHE B 265 -26.33 2.73 4.30
CA PHE B 265 -27.36 2.37 5.27
C PHE B 265 -28.76 2.49 4.66
N ALA B 266 -28.99 3.56 3.91
CA ALA B 266 -30.28 3.79 3.25
C ALA B 266 -30.56 2.76 2.17
N SER B 267 -29.52 2.06 1.73
CA SER B 267 -29.68 1.05 0.70
C SER B 267 -30.38 -0.20 1.24
N TYR B 268 -30.46 -0.31 2.56
CA TYR B 268 -31.13 -1.45 3.18
C TYR B 268 -32.54 -1.09 3.61
N VAL B 269 -32.95 0.12 3.23
CA VAL B 269 -34.32 0.57 3.39
C VAL B 269 -35.13 0.08 2.18
N ARG B 270 -36.32 -0.45 2.43
CA ARG B 270 -37.15 -1.01 1.37
C ARG B 270 -37.61 0.05 0.35
N LYS B 271 -37.91 -0.40 -0.86
CA LYS B 271 -38.15 0.50 -1.99
C LYS B 271 -39.16 1.61 -1.73
N ASP B 272 -40.26 1.30 -1.05
CA ASP B 272 -41.32 2.29 -0.86
C ASP B 272 -41.45 2.74 0.59
N GLN B 273 -40.49 2.36 1.42
CA GLN B 273 -40.46 2.76 2.82
C GLN B 273 -40.05 4.22 2.96
N ASP B 274 -40.70 4.93 3.88
CA ASP B 274 -40.43 6.36 4.10
C ASP B 274 -38.98 6.66 4.47
N ILE B 275 -38.45 7.75 3.91
CA ILE B 275 -37.13 8.24 4.26
C ILE B 275 -37.17 9.70 4.67
N VAL B 276 -38.26 10.40 4.29
CA VAL B 276 -38.39 11.81 4.60
C VAL B 276 -38.52 12.06 6.10
N LEU B 277 -39.46 11.37 6.74
CA LEU B 277 -39.68 11.56 8.18
C LEU B 277 -38.61 10.84 9.01
N SER B 278 -38.26 9.63 8.60
CA SER B 278 -37.22 8.85 9.26
C SER B 278 -35.87 9.57 9.27
N GLY B 279 -35.50 10.14 8.12
CA GLY B 279 -34.25 10.87 8.01
C GLY B 279 -34.24 12.11 8.88
N LEU B 280 -35.33 12.88 8.79
CA LEU B 280 -35.51 14.07 9.60
C LEU B 280 -35.42 13.73 11.09
N THR B 281 -35.98 12.59 11.47
CA THR B 281 -35.98 12.19 12.87
C THR B 281 -34.59 11.86 13.35
N ALA B 282 -33.83 11.15 12.52
CA ALA B 282 -32.47 10.75 12.87
C ALA B 282 -31.61 11.99 13.07
N ALA B 283 -31.70 12.91 12.12
CA ALA B 283 -30.92 14.14 12.17
C ALA B 283 -31.25 14.97 13.42
N THR B 284 -32.53 14.97 13.80
CA THR B 284 -32.96 15.68 15.00
C THR B 284 -32.34 15.06 16.26
N LEU B 285 -32.32 13.73 16.32
CA LEU B 285 -31.69 13.04 17.44
C LEU B 285 -30.23 13.46 17.60
N ASN B 286 -29.50 13.52 16.49
CA ASN B 286 -28.12 13.96 16.51
C ASN B 286 -27.99 15.37 17.06
N GLU B 287 -28.88 16.25 16.63
CA GLU B 287 -28.87 17.63 17.10
C GLU B 287 -29.14 17.73 18.59
N LYS B 288 -30.13 16.98 19.06
CA LYS B 288 -30.48 16.98 20.49
C LYS B 288 -29.32 16.46 21.33
N ALA B 289 -28.70 15.37 20.90
CA ALA B 289 -27.55 14.79 21.59
C ALA B 289 -26.40 15.79 21.59
N GLU B 290 -26.31 16.55 20.51
CA GLU B 290 -25.24 17.51 20.31
C GLU B 290 -25.37 18.71 21.25
N VAL B 291 -26.46 19.45 21.13
CA VAL B 291 -26.60 20.70 21.88
C VAL B 291 -27.06 20.53 23.34
N ILE B 292 -27.94 19.57 23.61
CA ILE B 292 -28.46 19.38 24.96
C ILE B 292 -27.48 18.63 25.85
N LEU B 293 -27.04 17.46 25.40
CA LEU B 293 -26.15 16.62 26.19
C LEU B 293 -24.70 17.05 26.04
N GLY B 294 -24.25 17.21 24.79
CA GLY B 294 -22.88 17.59 24.52
C GLY B 294 -22.49 18.94 25.09
N GLY B 295 -23.41 19.89 25.01
CA GLY B 295 -23.18 21.23 25.54
C GLY B 295 -23.27 21.33 27.06
N SER B 296 -23.75 20.27 27.71
CA SER B 296 -23.99 20.29 29.15
C SER B 296 -22.93 19.57 29.98
N ILE B 297 -22.03 18.83 29.32
CA ILE B 297 -21.07 18.02 30.07
C ILE B 297 -19.67 18.61 30.16
N SER B 298 -18.92 18.52 29.05
CA SER B 298 -17.48 18.83 29.05
C SER B 298 -17.13 20.27 29.42
N ILE B 299 -17.72 21.23 28.72
CA ILE B 299 -17.42 22.64 28.97
C ILE B 299 -17.89 23.11 30.35
N PRO B 300 -19.16 22.86 30.73
CA PRO B 300 -19.55 23.25 32.09
C PRO B 300 -18.68 22.62 33.17
N ALA B 301 -18.22 21.40 32.96
CA ALA B 301 -17.37 20.73 33.93
C ALA B 301 -16.03 21.44 34.06
N ALA B 302 -15.44 21.78 32.92
CA ALA B 302 -14.12 22.44 32.90
C ALA B 302 -14.17 23.81 33.55
N VAL B 303 -15.21 24.57 33.23
CA VAL B 303 -15.37 25.92 33.77
C VAL B 303 -15.67 25.88 35.27
N ALA B 304 -16.43 24.88 35.70
CA ALA B 304 -16.73 24.71 37.11
C ALA B 304 -15.44 24.51 37.90
N PHE B 305 -14.50 23.75 37.34
CA PHE B 305 -13.28 23.39 38.07
C PHE B 305 -12.18 24.44 37.96
N PHE B 306 -12.01 25.01 36.77
CA PHE B 306 -10.90 25.94 36.54
C PHE B 306 -11.32 27.41 36.61
N GLY B 307 -12.63 27.64 36.63
CA GLY B 307 -13.17 28.99 36.71
C GLY B 307 -13.43 29.58 35.35
N VAL B 308 -14.42 30.46 35.27
CA VAL B 308 -14.78 31.12 34.02
C VAL B 308 -13.63 31.95 33.47
N ALA B 309 -12.67 32.28 34.35
CA ALA B 309 -11.48 33.01 33.96
C ALA B 309 -10.67 32.26 32.90
N ASN B 310 -10.68 30.94 32.99
CA ASN B 310 -9.92 30.11 32.04
C ASN B 310 -10.79 29.51 30.95
N ALA B 311 -12.05 29.94 30.89
CA ALA B 311 -13.01 29.43 29.92
C ALA B 311 -12.53 29.58 28.47
N VAL B 312 -12.00 30.75 28.13
CA VAL B 312 -11.47 31.01 26.79
C VAL B 312 -10.27 30.11 26.48
N ALA B 313 -9.34 30.01 27.42
CA ALA B 313 -8.16 29.16 27.26
C ALA B 313 -8.55 27.70 27.05
N ILE B 314 -9.54 27.23 27.81
CA ILE B 314 -10.03 25.86 27.73
C ILE B 314 -10.60 25.57 26.35
N ALA B 315 -11.40 26.50 25.85
CA ALA B 315 -11.99 26.38 24.51
C ALA B 315 -10.92 26.35 23.43
N LYS B 316 -9.91 27.22 23.55
CA LYS B 316 -8.83 27.29 22.57
C LYS B 316 -7.88 26.11 22.66
N ALA B 317 -7.87 25.43 23.80
CA ALA B 317 -7.02 24.24 23.96
C ALA B 317 -7.53 23.08 23.11
N GLY B 318 -8.78 23.18 22.65
CA GLY B 318 -9.31 22.23 21.70
C GLY B 318 -10.17 21.11 22.27
N ALA B 319 -10.90 20.44 21.38
CA ALA B 319 -11.79 19.35 21.74
C ALA B 319 -11.06 18.12 22.28
N PHE B 320 -9.91 17.80 21.66
CA PHE B 320 -9.14 16.62 22.05
C PHE B 320 -8.53 16.77 23.44
N ASN B 321 -7.89 17.91 23.70
CA ASN B 321 -7.32 18.17 25.01
C ASN B 321 -8.38 18.16 26.10
N LEU B 322 -9.55 18.67 25.77
CA LEU B 322 -10.68 18.75 26.70
C LEU B 322 -11.15 17.36 27.12
N GLY B 323 -11.28 16.46 26.16
CA GLY B 323 -11.85 15.15 26.42
C GLY B 323 -10.88 14.12 26.94
N PHE B 324 -9.58 14.29 26.64
CA PHE B 324 -8.59 13.27 26.97
C PHE B 324 -7.58 13.73 28.01
N ILE B 325 -7.51 15.03 28.27
CA ILE B 325 -6.58 15.53 29.27
C ILE B 325 -7.30 16.31 30.37
N THR B 326 -8.03 17.36 29.98
CA THR B 326 -8.66 18.25 30.94
C THR B 326 -9.68 17.54 31.82
N LEU B 327 -10.69 16.92 31.20
CA LEU B 327 -11.73 16.22 31.96
C LEU B 327 -11.22 15.06 32.83
N PRO B 328 -10.33 14.21 32.29
CA PRO B 328 -9.73 13.22 33.19
C PRO B 328 -9.03 13.84 34.41
N ALA B 329 -8.31 14.94 34.22
CA ALA B 329 -7.64 15.60 35.35
C ALA B 329 -8.64 16.10 36.39
N ILE B 330 -9.73 16.69 35.91
CA ILE B 330 -10.80 17.16 36.77
C ILE B 330 -11.40 16.00 37.57
N PHE B 331 -11.66 14.89 36.88
CA PHE B 331 -12.25 13.72 37.52
C PHE B 331 -11.38 13.16 38.64
N SER B 332 -10.06 13.29 38.49
CA SER B 332 -9.16 12.79 39.52
C SER B 332 -9.16 13.70 40.74
N GLN B 333 -9.86 14.82 40.65
CA GLN B 333 -9.90 15.80 41.73
C GLN B 333 -11.30 15.89 42.31
N THR B 334 -12.20 15.05 41.80
CA THR B 334 -13.58 15.03 42.26
C THR B 334 -13.90 13.73 43.00
N ALA B 335 -14.88 13.78 43.88
CA ALA B 335 -15.27 12.62 44.70
C ALA B 335 -15.91 11.54 43.84
N GLY B 336 -15.34 10.34 43.87
CA GLY B 336 -15.80 9.24 43.04
C GLY B 336 -15.53 9.47 41.55
N GLY B 337 -14.58 10.35 41.25
CA GLY B 337 -14.31 10.75 39.89
C GLY B 337 -13.71 9.66 39.01
N THR B 338 -13.11 8.67 39.65
CA THR B 338 -12.56 7.53 38.96
C THR B 338 -13.64 6.73 38.20
N PHE B 339 -14.75 6.48 38.87
CA PHE B 339 -15.87 5.83 38.21
C PHE B 339 -16.56 6.80 37.25
N LEU B 340 -16.43 8.09 37.55
CA LEU B 340 -16.94 9.14 36.69
C LEU B 340 -16.14 9.14 35.37
N GLY B 341 -14.83 8.97 35.49
CA GLY B 341 -13.95 8.87 34.35
C GLY B 341 -14.30 7.66 33.50
N PHE B 342 -14.64 6.56 34.16
CA PHE B 342 -15.08 5.37 33.45
C PHE B 342 -16.31 5.65 32.59
N LEU B 343 -17.28 6.35 33.17
CA LEU B 343 -18.52 6.67 32.47
C LEU B 343 -18.29 7.60 31.28
N TRP B 344 -17.39 8.56 31.46
CA TRP B 344 -17.07 9.49 30.40
C TRP B 344 -16.49 8.75 29.18
N PHE B 345 -15.52 7.89 29.42
CA PHE B 345 -14.89 7.17 28.32
C PHE B 345 -15.74 6.02 27.78
N PHE B 346 -16.59 5.45 28.63
CA PHE B 346 -17.54 4.44 28.20
C PHE B 346 -18.50 5.07 27.18
N LEU B 347 -18.97 6.27 27.52
CA LEU B 347 -19.85 7.04 26.64
C LEU B 347 -19.20 7.33 25.28
N LEU B 348 -17.95 7.78 25.31
CA LEU B 348 -17.23 8.11 24.09
C LEU B 348 -17.02 6.84 23.24
N PHE B 349 -16.79 5.72 23.90
CA PHE B 349 -16.58 4.45 23.21
C PHE B 349 -17.81 3.97 22.42
N PHE B 350 -18.99 4.02 23.05
CA PHE B 350 -20.22 3.63 22.36
C PHE B 350 -20.61 4.63 21.28
N ALA B 351 -20.29 5.90 21.52
CA ALA B 351 -20.50 6.93 20.51
C ALA B 351 -19.62 6.63 19.30
N GLY B 352 -18.37 6.26 19.56
CA GLY B 352 -17.47 5.91 18.49
C GLY B 352 -17.83 4.60 17.82
N LEU B 353 -18.18 3.60 18.65
CA LEU B 353 -18.49 2.26 18.14
C LEU B 353 -19.70 2.25 17.21
N THR B 354 -20.73 2.99 17.55
CA THR B 354 -21.93 3.05 16.71
C THR B 354 -21.63 3.76 15.39
N SER B 355 -20.58 4.57 15.37
CA SER B 355 -20.22 5.29 14.16
C SER B 355 -19.29 4.48 13.25
N SER B 356 -18.35 3.75 13.86
CA SER B 356 -17.35 2.99 13.11
C SER B 356 -17.92 1.77 12.39
N ILE B 357 -18.90 1.11 12.99
CA ILE B 357 -19.55 0.00 12.33
C ILE B 357 -20.29 0.50 11.07
N ALA B 358 -20.87 1.70 11.18
CA ALA B 358 -21.51 2.33 10.04
C ALA B 358 -20.48 2.69 8.96
N GLY B 359 -19.31 3.11 9.40
CA GLY B 359 -18.28 3.58 8.50
C GLY B 359 -17.48 2.50 7.79
N MET B 360 -17.60 1.26 8.26
CA MET B 360 -16.96 0.12 7.62
C MET B 360 -17.91 -0.66 6.73
N GLN B 361 -19.20 -0.40 6.89
CA GLN B 361 -20.24 -1.04 6.08
C GLN B 361 -20.18 -0.78 4.56
N PRO B 362 -19.81 0.44 4.11
CA PRO B 362 -19.73 0.61 2.66
C PRO B 362 -18.73 -0.33 1.98
N MET B 363 -17.58 -0.56 2.60
CA MET B 363 -16.61 -1.48 2.02
C MET B 363 -17.16 -2.90 2.02
N ILE B 364 -17.84 -3.26 3.10
CA ILE B 364 -18.51 -4.55 3.23
C ILE B 364 -19.62 -4.71 2.19
N ALA B 365 -20.45 -3.69 2.04
CA ALA B 365 -21.53 -3.68 1.06
C ALA B 365 -20.98 -3.83 -0.36
N PHE B 366 -19.88 -3.14 -0.65
CA PHE B 366 -19.25 -3.22 -1.96
C PHE B 366 -18.82 -4.66 -2.27
N LEU B 367 -18.15 -5.29 -1.31
CA LEU B 367 -17.71 -6.66 -1.50
C LEU B 367 -18.88 -7.63 -1.68
N GLU B 368 -19.96 -7.40 -0.94
CA GLU B 368 -21.16 -8.22 -1.05
C GLU B 368 -21.89 -7.95 -2.38
N ASP B 369 -22.20 -6.69 -2.62
CA ASP B 369 -23.04 -6.33 -3.77
C ASP B 369 -22.36 -6.53 -5.12
N GLU B 370 -21.09 -6.16 -5.22
CA GLU B 370 -20.41 -6.07 -6.52
C GLU B 370 -19.43 -7.20 -6.82
N LEU B 371 -18.82 -7.76 -5.77
CA LEU B 371 -17.90 -8.87 -5.95
C LEU B 371 -18.47 -10.18 -5.44
N LYS B 372 -19.72 -10.12 -4.98
CA LYS B 372 -20.49 -11.31 -4.61
C LYS B 372 -19.84 -12.11 -3.49
N LEU B 373 -19.16 -11.41 -2.59
CA LEU B 373 -18.59 -12.06 -1.41
C LEU B 373 -19.70 -12.33 -0.39
N SER B 374 -19.53 -13.36 0.42
CA SER B 374 -20.42 -13.61 1.54
C SER B 374 -20.20 -12.52 2.60
N ARG B 375 -21.16 -12.33 3.50
CA ARG B 375 -21.05 -11.32 4.54
C ARG B 375 -19.83 -11.58 5.43
N LYS B 376 -19.63 -12.84 5.79
CA LYS B 376 -18.50 -13.23 6.62
C LYS B 376 -17.18 -12.83 5.94
N HIS B 377 -17.03 -13.18 4.66
CA HIS B 377 -15.82 -12.87 3.92
C HIS B 377 -15.64 -11.36 3.71
N ALA B 378 -16.74 -10.67 3.43
CA ALA B 378 -16.68 -9.23 3.18
C ALA B 378 -16.26 -8.47 4.44
N VAL B 379 -16.81 -8.88 5.58
CA VAL B 379 -16.48 -8.28 6.86
C VAL B 379 -15.03 -8.59 7.26
N LEU B 380 -14.60 -9.84 7.08
CA LEU B 380 -13.25 -10.25 7.47
C LEU B 380 -12.15 -9.58 6.62
N TRP B 381 -12.35 -9.50 5.31
CA TRP B 381 -11.39 -8.82 4.45
C TRP B 381 -11.34 -7.32 4.73
N THR B 382 -12.50 -6.73 4.97
CA THR B 382 -12.59 -5.31 5.30
C THR B 382 -11.81 -5.03 6.58
N ALA B 383 -12.01 -5.88 7.58
CA ALA B 383 -11.29 -5.74 8.84
C ALA B 383 -9.78 -5.92 8.64
N ALA B 384 -9.39 -6.87 7.79
CA ALA B 384 -7.98 -7.14 7.55
C ALA B 384 -7.29 -5.91 6.94
N ILE B 385 -7.94 -5.30 5.96
CA ILE B 385 -7.43 -4.09 5.33
C ILE B 385 -7.34 -2.93 6.33
N VAL B 386 -8.39 -2.76 7.14
CA VAL B 386 -8.39 -1.67 8.12
C VAL B 386 -7.38 -1.93 9.22
N PHE B 387 -7.35 -3.15 9.72
CA PHE B 387 -6.39 -3.52 10.77
C PHE B 387 -4.96 -3.35 10.29
N PHE B 388 -4.65 -3.88 9.11
CA PHE B 388 -3.32 -3.78 8.55
C PHE B 388 -2.91 -2.32 8.39
N SER B 389 -3.74 -1.55 7.69
CA SER B 389 -3.45 -0.16 7.37
C SER B 389 -3.29 0.72 8.61
N ALA B 390 -4.01 0.38 9.68
CA ALA B 390 -3.99 1.19 10.89
C ALA B 390 -2.60 1.27 11.54
N HIS B 391 -1.73 0.30 11.25
CA HIS B 391 -0.37 0.31 11.77
C HIS B 391 0.41 1.55 11.33
N LEU B 392 0.04 2.10 10.18
CA LEU B 392 0.63 3.35 9.73
C LEU B 392 0.25 4.48 10.67
N VAL B 393 -1.02 4.50 11.07
CA VAL B 393 -1.54 5.50 11.99
C VAL B 393 -0.97 5.32 13.41
N MET B 394 -0.77 4.06 13.81
CA MET B 394 -0.26 3.77 15.15
C MET B 394 1.22 4.08 15.32
N PHE B 395 2.00 4.03 14.23
CA PHE B 395 3.44 4.12 14.35
C PHE B 395 4.08 5.37 13.74
N LEU B 396 3.36 6.02 12.84
CA LEU B 396 3.91 7.19 12.16
C LEU B 396 3.21 8.48 12.58
N ASN B 397 3.96 9.37 13.20
CA ASN B 397 3.40 10.63 13.69
C ASN B 397 2.82 11.48 12.56
N LYS B 398 1.67 12.08 12.84
CA LYS B 398 0.95 12.96 11.92
C LYS B 398 0.32 12.26 10.71
N SER B 399 0.44 10.93 10.67
CA SER B 399 -0.23 10.13 9.66
C SER B 399 -1.75 10.26 9.82
N LEU B 400 -2.20 10.21 11.08
CA LEU B 400 -3.59 10.39 11.45
C LEU B 400 -4.15 11.69 10.88
N ASP B 401 -3.40 12.78 11.08
CA ASP B 401 -3.84 14.10 10.65
C ASP B 401 -3.95 14.18 9.14
N GLU B 402 -3.02 13.52 8.46
CA GLU B 402 -2.95 13.57 7.02
C GLU B 402 -4.17 12.87 6.42
N MET B 403 -4.52 11.72 7.00
CA MET B 403 -5.70 10.99 6.57
C MET B 403 -6.98 11.75 6.92
N ASP B 404 -6.99 12.34 8.11
CA ASP B 404 -8.15 13.09 8.57
C ASP B 404 -8.43 14.32 7.72
N PHE B 405 -7.39 14.88 7.13
CA PHE B 405 -7.55 16.04 6.28
C PHE B 405 -8.07 15.73 4.87
N TRP B 406 -7.36 14.88 4.14
CA TRP B 406 -7.71 14.59 2.75
C TRP B 406 -9.04 13.87 2.64
N ALA B 407 -9.23 12.83 3.45
CA ALA B 407 -10.46 12.06 3.42
C ALA B 407 -11.53 12.62 4.36
N GLY B 408 -11.15 12.89 5.59
CA GLY B 408 -12.12 13.26 6.62
C GLY B 408 -12.59 14.70 6.61
N THR B 409 -11.89 15.57 5.87
CA THR B 409 -12.24 16.98 5.86
C THR B 409 -12.55 17.47 4.44
N ILE B 410 -11.51 17.60 3.62
CA ILE B 410 -11.66 18.01 2.22
C ILE B 410 -12.50 16.99 1.45
N GLY B 411 -12.20 15.72 1.65
CA GLY B 411 -12.89 14.64 0.96
C GLY B 411 -14.40 14.66 1.11
N VAL B 412 -14.90 14.72 2.34
CA VAL B 412 -16.33 14.62 2.55
C VAL B 412 -17.11 15.80 1.95
N VAL B 413 -16.53 17.01 2.03
CA VAL B 413 -17.19 18.20 1.50
C VAL B 413 -17.21 18.17 -0.02
N PHE B 414 -16.09 17.77 -0.62
CA PHE B 414 -16.02 17.56 -2.06
C PHE B 414 -17.03 16.50 -2.50
N PHE B 415 -17.14 15.43 -1.72
CA PHE B 415 -18.04 14.34 -2.07
C PHE B 415 -19.52 14.70 -1.87
N GLY B 416 -19.79 15.51 -0.85
CA GLY B 416 -21.13 16.03 -0.62
C GLY B 416 -21.62 16.83 -1.81
N LEU B 417 -20.76 17.71 -2.33
CA LEU B 417 -21.08 18.50 -3.50
C LEU B 417 -21.29 17.62 -4.72
N THR B 418 -20.44 16.61 -4.88
CA THR B 418 -20.53 15.68 -6.01
C THR B 418 -21.86 14.91 -6.01
N GLU B 419 -22.35 14.55 -4.83
CA GLU B 419 -23.63 13.86 -4.69
C GLU B 419 -24.79 14.69 -5.22
N LEU B 420 -24.87 15.93 -4.75
CA LEU B 420 -25.91 16.87 -5.17
C LEU B 420 -25.96 17.00 -6.68
N ILE B 421 -24.81 17.30 -7.26
CA ILE B 421 -24.72 17.60 -8.68
C ILE B 421 -25.14 16.40 -9.51
N ILE B 422 -24.65 15.23 -9.12
CA ILE B 422 -25.00 13.99 -9.82
C ILE B 422 -26.49 13.68 -9.69
N PHE B 423 -27.04 13.88 -8.49
CA PHE B 423 -28.43 13.53 -8.23
C PHE B 423 -29.40 14.58 -8.79
N PHE B 424 -29.22 15.82 -8.36
CA PHE B 424 -30.14 16.88 -8.73
C PHE B 424 -29.92 17.56 -10.08
N TRP B 425 -28.70 17.49 -10.60
CA TRP B 425 -28.40 18.19 -11.85
C TRP B 425 -28.22 17.28 -13.05
N ILE B 426 -27.45 16.20 -12.89
CA ILE B 426 -27.20 15.27 -13.99
C ILE B 426 -28.37 14.29 -14.16
N PHE B 427 -28.69 13.59 -13.08
CA PHE B 427 -29.80 12.64 -13.07
C PHE B 427 -31.13 13.35 -13.33
N GLY B 428 -31.27 14.56 -12.79
CA GLY B 428 -32.49 15.33 -13.00
C GLY B 428 -33.17 15.70 -11.69
N ALA B 429 -33.42 16.99 -11.49
CA ALA B 429 -34.05 17.45 -10.26
C ALA B 429 -35.45 16.88 -10.05
N ASP B 430 -36.22 16.73 -11.13
CA ASP B 430 -37.59 16.22 -11.02
C ASP B 430 -37.61 14.75 -10.66
N LYS B 431 -36.75 13.95 -11.29
CA LYS B 431 -36.65 12.54 -10.98
C LYS B 431 -36.14 12.35 -9.56
N ALA B 432 -35.17 13.17 -9.17
CA ALA B 432 -34.61 13.15 -7.82
C ALA B 432 -35.66 13.51 -6.77
N TRP B 433 -36.42 14.55 -7.07
CA TRP B 433 -37.49 15.02 -6.18
C TRP B 433 -38.54 13.95 -5.93
N GLU B 434 -38.94 13.26 -6.99
CA GLU B 434 -39.91 12.17 -6.86
C GLU B 434 -39.29 11.00 -6.11
N GLU B 435 -37.99 10.81 -6.31
CA GLU B 435 -37.26 9.74 -5.64
C GLU B 435 -37.17 9.97 -4.13
N ILE B 436 -37.05 11.23 -3.74
CA ILE B 436 -36.96 11.57 -2.33
C ILE B 436 -38.29 11.38 -1.65
N ASN B 437 -39.37 11.85 -2.29
CA ASN B 437 -40.68 11.87 -1.65
C ASN B 437 -41.47 10.57 -1.71
N ARG B 438 -41.13 9.67 -2.63
CA ARG B 438 -41.87 8.42 -2.75
C ARG B 438 -41.91 7.64 -1.44
N GLY B 439 -43.13 7.30 -1.01
CA GLY B 439 -43.33 6.53 0.22
C GLY B 439 -43.23 7.37 1.47
N GLY B 440 -43.05 8.68 1.30
CA GLY B 440 -42.87 9.58 2.43
C GLY B 440 -44.10 9.71 3.30
N ILE B 441 -43.90 9.54 4.61
CA ILE B 441 -44.99 9.73 5.56
C ILE B 441 -45.41 11.18 5.53
N ILE B 442 -44.43 12.06 5.45
CA ILE B 442 -44.68 13.47 5.20
C ILE B 442 -43.99 13.84 3.90
N LYS B 443 -44.42 14.92 3.27
CA LYS B 443 -43.79 15.37 2.03
C LYS B 443 -42.83 16.51 2.30
N VAL B 444 -41.73 16.51 1.56
CA VAL B 444 -40.77 17.58 1.68
C VAL B 444 -41.42 18.87 1.19
N PRO B 445 -41.35 19.94 2.01
CA PRO B 445 -41.85 21.26 1.64
C PRO B 445 -41.34 21.68 0.27
N ARG B 446 -42.23 22.20 -0.57
CA ARG B 446 -41.92 22.54 -1.96
C ARG B 446 -40.73 23.49 -2.12
N ILE B 447 -40.48 24.29 -1.09
CA ILE B 447 -39.38 25.25 -1.06
C ILE B 447 -38.01 24.58 -1.15
N TYR B 448 -37.90 23.35 -0.62
CA TYR B 448 -36.63 22.65 -0.57
C TYR B 448 -36.12 22.24 -1.94
N TYR B 449 -36.99 22.32 -2.94
CA TYR B 449 -36.59 22.03 -4.31
C TYR B 449 -35.56 23.07 -4.77
N TYR B 450 -35.73 24.31 -4.31
CA TYR B 450 -34.82 25.38 -4.65
C TYR B 450 -33.55 25.32 -3.80
N VAL B 451 -33.73 24.97 -2.52
CA VAL B 451 -32.61 24.81 -1.60
C VAL B 451 -31.64 23.73 -2.07
N MET B 452 -32.18 22.56 -2.39
CA MET B 452 -31.38 21.43 -2.84
C MET B 452 -30.68 21.70 -4.17
N ARG B 453 -31.32 22.47 -5.03
CA ARG B 453 -30.81 22.70 -6.39
C ARG B 453 -29.79 23.83 -6.49
N TYR B 454 -29.97 24.88 -5.69
CA TYR B 454 -29.11 26.06 -5.77
C TYR B 454 -28.43 26.39 -4.45
N ILE B 455 -29.20 26.47 -3.37
CA ILE B 455 -28.67 26.91 -2.08
C ILE B 455 -27.66 25.94 -1.47
N THR B 456 -28.07 24.69 -1.29
CA THR B 456 -27.19 23.68 -0.68
C THR B 456 -25.83 23.51 -1.40
N PRO B 457 -25.83 23.38 -2.75
CA PRO B 457 -24.52 23.26 -3.42
C PRO B 457 -23.68 24.55 -3.34
N ALA B 458 -24.33 25.70 -3.35
CA ALA B 458 -23.63 26.98 -3.20
C ALA B 458 -22.85 27.01 -1.89
N PHE B 459 -23.54 26.69 -0.81
CA PHE B 459 -22.93 26.62 0.51
C PHE B 459 -21.74 25.68 0.54
N LEU B 460 -21.93 24.48 -0.01
CA LEU B 460 -20.87 23.48 -0.04
C LEU B 460 -19.69 23.95 -0.87
N ALA B 461 -19.98 24.58 -2.02
CA ALA B 461 -18.93 25.09 -2.90
C ALA B 461 -18.12 26.18 -2.22
N VAL B 462 -18.82 27.06 -1.50
CA VAL B 462 -18.16 28.14 -0.78
C VAL B 462 -17.26 27.57 0.31
N LEU B 463 -17.80 26.63 1.09
CA LEU B 463 -17.05 25.99 2.17
C LEU B 463 -15.78 25.33 1.65
N LEU B 464 -15.91 24.65 0.52
CA LEU B 464 -14.81 23.91 -0.07
C LEU B 464 -13.68 24.84 -0.53
N VAL B 465 -14.05 25.92 -1.21
CA VAL B 465 -13.06 26.85 -1.74
C VAL B 465 -12.32 27.55 -0.61
N VAL B 466 -13.06 28.01 0.40
CA VAL B 466 -12.46 28.64 1.56
C VAL B 466 -11.44 27.73 2.26
N TRP B 467 -11.83 26.46 2.46
CA TRP B 467 -10.95 25.49 3.10
C TRP B 467 -9.76 25.08 2.24
N ALA B 468 -9.98 24.96 0.94
CA ALA B 468 -8.88 24.66 0.01
C ALA B 468 -7.86 25.80 -0.01
N ARG B 469 -8.34 27.04 -0.07
CA ARG B 469 -7.45 28.20 -0.09
C ARG B 469 -6.71 28.38 1.23
N GLU B 470 -7.41 28.10 2.34
CA GLU B 470 -6.86 28.28 3.66
C GLU B 470 -5.87 27.19 4.09
N TYR B 471 -6.27 25.93 3.94
CA TYR B 471 -5.55 24.82 4.55
C TYR B 471 -4.58 24.08 3.62
N ILE B 472 -4.93 23.95 2.35
CA ILE B 472 -4.09 23.20 1.40
C ILE B 472 -2.66 23.73 1.23
N PRO B 473 -2.48 25.07 1.09
CA PRO B 473 -1.10 25.57 1.01
C PRO B 473 -0.27 25.26 2.25
N LYS B 474 -0.88 25.31 3.43
CA LYS B 474 -0.19 25.00 4.68
C LYS B 474 0.27 23.53 4.73
N ILE B 475 -0.66 22.62 4.44
CA ILE B 475 -0.41 21.18 4.49
C ILE B 475 0.67 20.78 3.47
N MET B 476 0.68 21.44 2.32
CA MET B 476 1.62 21.10 1.27
C MET B 476 3.03 21.64 1.53
N GLU B 477 3.11 22.81 2.18
CA GLU B 477 4.37 23.55 2.28
C GLU B 477 5.04 23.54 3.66
N GLU B 478 4.26 23.32 4.71
CA GLU B 478 4.79 23.45 6.08
C GLU B 478 4.88 22.15 6.89
N THR B 479 4.45 21.03 6.31
CA THR B 479 4.49 19.74 7.00
C THR B 479 5.83 19.01 6.84
N HIS B 480 6.08 18.03 7.72
CA HIS B 480 7.27 17.17 7.66
C HIS B 480 7.25 16.23 6.44
N TRP B 481 8.42 15.79 5.97
CA TRP B 481 8.47 14.97 4.75
C TRP B 481 7.75 13.61 4.86
N THR B 482 7.60 13.09 6.07
CA THR B 482 6.96 11.79 6.26
C THR B 482 5.46 11.78 5.91
N VAL B 483 4.88 12.96 5.68
CA VAL B 483 3.48 13.03 5.28
C VAL B 483 3.27 12.36 3.93
N TRP B 484 4.34 12.31 3.13
CA TRP B 484 4.31 11.69 1.81
C TRP B 484 4.09 10.19 1.87
N ILE B 485 4.53 9.58 2.96
CA ILE B 485 4.31 8.15 3.18
C ILE B 485 2.81 7.87 3.26
N THR B 486 2.10 8.69 4.02
CA THR B 486 0.66 8.56 4.18
C THR B 486 -0.09 8.91 2.91
N ARG B 487 0.35 10.00 2.25
CA ARG B 487 -0.23 10.39 0.98
C ARG B 487 -0.05 9.31 -0.06
N PHE B 488 1.16 8.75 -0.11
CA PHE B 488 1.47 7.64 -0.99
C PHE B 488 0.52 6.48 -0.72
N TYR B 489 0.41 6.09 0.54
CA TYR B 489 -0.42 4.95 0.90
C TYR B 489 -1.89 5.13 0.55
N ILE B 490 -2.45 6.30 0.88
CA ILE B 490 -3.88 6.48 0.62
C ILE B 490 -4.21 6.67 -0.86
N ILE B 491 -3.26 7.21 -1.63
CA ILE B 491 -3.43 7.29 -3.09
C ILE B 491 -3.42 5.86 -3.64
N GLY B 492 -2.54 5.04 -3.08
CA GLY B 492 -2.50 3.62 -3.40
C GLY B 492 -3.82 2.91 -3.11
N LEU B 493 -4.44 3.24 -1.96
CA LEU B 493 -5.73 2.67 -1.62
C LEU B 493 -6.81 3.06 -2.63
N PHE B 494 -6.79 4.30 -3.08
CA PHE B 494 -7.75 4.73 -4.09
C PHE B 494 -7.56 3.97 -5.42
N LEU B 495 -6.30 3.71 -5.79
CA LEU B 495 -5.98 2.98 -7.01
C LEU B 495 -6.48 1.55 -6.91
N PHE B 496 -6.24 0.92 -5.75
CA PHE B 496 -6.68 -0.44 -5.47
C PHE B 496 -8.21 -0.57 -5.53
N LEU B 497 -8.92 0.41 -4.99
CA LEU B 497 -10.37 0.40 -5.02
C LEU B 497 -10.87 0.59 -6.46
N THR B 498 -10.19 1.42 -7.24
CA THR B 498 -10.51 1.59 -8.65
C THR B 498 -10.36 0.25 -9.38
N PHE B 499 -9.31 -0.49 -9.03
CA PHE B 499 -9.08 -1.81 -9.60
C PHE B 499 -10.20 -2.79 -9.24
N LEU B 500 -10.66 -2.77 -7.99
CA LEU B 500 -11.77 -3.62 -7.58
C LEU B 500 -13.06 -3.28 -8.35
N VAL B 501 -13.30 -1.98 -8.55
CA VAL B 501 -14.45 -1.53 -9.33
C VAL B 501 -14.33 -2.02 -10.78
N PHE B 502 -13.11 -1.99 -11.30
CA PHE B 502 -12.80 -2.51 -12.63
C PHE B 502 -13.14 -4.00 -12.72
N LEU B 503 -12.73 -4.75 -11.71
CA LEU B 503 -12.98 -6.19 -11.68
C LEU B 503 -14.47 -6.49 -11.55
N ALA B 504 -15.18 -5.62 -10.84
CA ALA B 504 -16.61 -5.77 -10.63
C ALA B 504 -17.39 -5.65 -11.94
N GLU B 505 -17.04 -4.67 -12.76
CA GLU B 505 -17.72 -4.50 -14.04
C GLU B 505 -17.33 -5.60 -15.04
N ARG B 506 -16.11 -6.13 -14.90
CA ARG B 506 -15.63 -7.21 -15.75
C ARG B 506 -16.31 -8.52 -15.42
N ARG B 507 -16.54 -8.75 -14.13
CA ARG B 507 -17.26 -9.93 -13.67
C ARG B 507 -18.70 -9.89 -14.15
N ARG B 508 -19.27 -8.68 -14.12
CA ARG B 508 -20.65 -8.47 -14.54
C ARG B 508 -20.83 -8.72 -16.03
N ASN B 509 -19.82 -8.34 -16.82
CA ASN B 509 -19.84 -8.60 -18.25
C ASN B 509 -19.78 -10.10 -18.58
N HIS B 510 -19.13 -10.87 -17.72
CA HIS B 510 -19.05 -12.32 -17.88
C HIS B 510 -20.40 -12.99 -17.61
N GLU B 511 -20.98 -12.68 -16.44
CA GLU B 511 -22.27 -13.23 -16.06
C GLU B 511 -23.42 -12.42 -16.68
NA NA C . 17.97 -10.01 -19.65
NA NA D . 22.31 -14.54 -15.40
CL 29Q E . 10.78 -8.25 -12.70
C13 29Q E . 12.43 -8.99 -12.73
C12 29Q E . 12.71 -10.20 -12.08
C11 29Q E . 14.02 -10.75 -12.11
C14 29Q E . 13.42 -8.33 -13.39
C15 29Q E . 14.71 -8.87 -13.41
C10 29Q E . 15.02 -10.08 -12.80
C 29Q E . 16.46 -10.51 -12.86
O 29Q E . 17.20 -9.51 -13.58
C5 29Q E . 17.03 -10.66 -11.45
C6 29Q E . 16.93 -9.76 -10.39
C7 29Q E . 17.54 -10.04 -9.14
C8 29Q E . 18.25 -11.22 -8.97
C9 29Q E . 18.37 -12.14 -10.04
C4 29Q E . 17.76 -11.83 -11.24
C1 29Q E . 17.62 -12.48 -12.57
N 29Q E . 16.89 -11.80 -13.43
C3 29Q E . 16.72 -12.32 -14.76
C2 29Q E . 17.48 -13.65 -14.55
N1 29Q E . 18.04 -13.63 -13.18
C1 BOG F . 7.82 17.62 -3.82
O1 BOG F . 6.90 16.59 -3.67
C2 BOG F . 7.72 18.62 -2.71
O2 BOG F . 6.43 19.09 -2.62
C3 BOG F . 8.65 19.75 -3.07
O3 BOG F . 8.75 20.64 -2.02
C4 BOG F . 10.00 19.23 -3.37
O4 BOG F . 10.71 20.20 -4.06
C5 BOG F . 9.98 18.00 -4.21
O5 BOG F . 9.07 17.07 -3.74
C6 BOG F . 11.31 17.35 -4.12
O6 BOG F . 11.18 15.98 -4.35
C1' BOG F . 7.34 15.39 -3.09
C2' BOG F . 6.73 14.20 -3.78
C3' BOG F . 7.46 12.97 -3.31
C4' BOG F . 6.82 11.74 -3.87
C5' BOG F . 6.47 10.80 -2.76
C6' BOG F . 7.15 9.49 -2.96
C7' BOG F . 6.23 8.38 -2.56
C8' BOG F . 6.74 7.74 -1.31
C1 BOG G . 8.38 14.32 -9.60
O1 BOG G . 7.26 13.51 -9.63
C2 BOG G . 9.60 13.51 -9.96
O2 BOG G . 9.66 12.38 -9.20
C3 BOG G . 10.77 14.39 -9.69
O3 BOG G . 11.96 13.70 -9.77
C4 BOG G . 10.64 15.45 -10.73
O4 BOG G . 11.71 16.32 -10.65
C5 BOG G . 9.38 16.17 -10.43
O5 BOG G . 8.27 15.34 -10.52
C6 BOG G . 9.23 17.32 -11.38
O6 BOG G . 9.66 18.47 -10.77
C1' BOG G . 6.87 12.88 -8.45
C2' BOG G . 5.60 12.09 -8.65
C3' BOG G . 4.87 12.04 -7.34
C4' BOG G . 4.42 10.64 -7.06
C5' BOG G . 3.01 10.43 -7.55
C6' BOG G . 2.65 8.99 -7.55
C7' BOG G . 2.75 8.42 -6.17
C8' BOG G . 2.25 9.40 -5.16
C1 BOG H . 21.94 2.10 -4.09
O1 BOG H . 21.56 1.19 -5.07
C2 BOG H . 22.39 3.35 -4.74
O2 BOG H . 23.19 3.12 -5.83
C3 BOG H . 23.21 4.04 -3.74
O3 BOG H . 23.92 5.11 -4.26
C4 BOG H . 22.26 4.43 -2.69
O4 BOG H . 23.00 5.05 -1.71
C5 BOG H . 21.64 3.17 -2.13
O5 BOG H . 20.97 2.43 -3.12
C6 BOG H . 20.84 3.48 -0.92
O6 BOG H . 21.55 4.02 0.17
C1' BOG H . 22.49 0.50 -5.87
C2' BOG H . 21.99 -0.89 -6.22
C3' BOG H . 22.09 -1.07 -7.71
C4' BOG H . 23.07 -2.14 -8.02
C5' BOG H . 22.51 -3.04 -9.09
C6' BOG H . 23.44 -3.09 -10.26
C7' BOG H . 24.48 -4.14 -10.04
C8' BOG H . 24.05 -5.44 -10.67
NA NA I . -21.90 6.92 16.94
NA NA J . -22.67 14.29 15.21
CL 29Q K . -15.54 5.19 8.67
C13 29Q K . -16.17 6.52 9.75
C12 29Q K . -16.97 7.51 9.20
C11 29Q K . -17.48 8.55 9.99
C14 29Q K . -15.86 6.56 11.09
C15 29Q K . -16.36 7.62 11.89
C10 29Q K . -17.18 8.61 11.35
C 29Q K . -17.67 9.73 12.25
O 29Q K . -17.63 9.35 13.63
C5 29Q K . -16.75 10.91 11.97
C6 29Q K . -15.37 10.91 11.95
C7 29Q K . -14.68 12.11 11.69
C8 29Q K . -15.37 13.32 11.44
C9 29Q K . -16.77 13.33 11.45
C4 29Q K . -17.41 12.12 11.72
C1 29Q K . -18.82 11.68 11.82
N 29Q K . -18.98 10.40 12.05
C3 29Q K . -20.32 9.91 12.22
C2 29Q K . -21.06 11.29 12.22
N1 29Q K . -20.05 12.26 11.74
C1 BOG L . 8.51 18.37 1.31
O1 BOG L . 8.68 17.08 0.83
C2 BOG L . 7.37 18.45 2.26
O2 BOG L . 6.23 17.93 1.70
C3 BOG L . 7.18 19.91 2.58
O3 BOG L . 6.13 20.11 3.45
C4 BOG L . 8.45 20.43 3.15
O4 BOG L . 8.36 21.79 3.34
C5 BOG L . 9.58 20.13 2.22
O5 BOG L . 9.66 18.77 1.94
C6 BOG L . 10.87 20.51 2.87
O6 BOG L . 11.24 19.51 3.76
C1' BOG L . 9.97 16.56 0.75
C2' BOG L . 9.99 15.41 -0.23
C3' BOG L . 9.87 14.11 0.52
C4' BOG L . 9.56 13.02 -0.45
C5' BOG L . 10.22 11.74 -0.03
C6' BOG L . 9.25 10.85 0.66
C7' BOG L . 9.74 9.44 0.61
C8' BOG L . 8.75 8.52 1.21
C1 BOG M . -2.84 13.39 17.83
O1 BOG M . -4.13 13.60 17.35
C2 BOG M . -1.87 13.92 16.79
O2 BOG M . -2.11 13.33 15.59
C3 BOG M . -0.46 13.62 17.26
O3 BOG M . 0.52 14.05 16.38
C4 BOG M . -0.36 14.30 18.57
O4 BOG M . 0.95 14.24 19.04
C5 BOG M . -1.32 13.61 19.46
O5 BOG M . -2.61 13.98 19.08
C6 BOG M . -1.02 14.16 20.81
O6 BOG M . -0.65 15.47 20.57
C1' BOG M . -5.25 13.39 18.14
C2' BOG M . -6.48 13.91 17.41
C3' BOG M . -7.65 13.00 17.64
C4' BOG M . -8.73 13.69 18.40
C5' BOG M . -10.06 13.18 17.93
C6' BOG M . -11.12 13.35 18.97
C7' BOG M . -11.78 14.68 18.80
C8' BOG M . -13.21 14.61 19.19
#